data_1DWV
#
_entry.id   1DWV
#
_cell.length_a   212.980
_cell.length_b   212.980
_cell.length_c   114.200
_cell.angle_alpha   90.00
_cell.angle_beta   90.00
_cell.angle_gamma   120.00
#
_symmetry.space_group_name_H-M   'P 61 2 2'
#
loop_
_entity.id
_entity.type
_entity.pdbx_description
1 polymer 'NITRIC OXIDE SYNTHASE'
2 non-polymer 'PROTOPORPHYRIN IX CONTAINING FE'
3 non-polymer 2,4-DIAMINO-6-[2,3-DIHYDROXY-PROP-3-YL]-5,6,7,8-TETRAHYDROPTERIDINE
4 non-polymer 'ZINC ION'
5 non-polymer 'SULFATE ION'
6 non-polymer N-OMEGA-HYDROXY-L-ARGININE
7 water water
#
_entity_poly.entity_id   1
_entity_poly.type   'polypeptide(L)'
_entity_poly.pdbx_seq_one_letter_code
;QYVRIKNWGSGEILHDTLHHKATSDFTCKSKSCLGSIMNPKSLTRGPRDKPTPLEELLPHAIEFINQYYGSFKEAKIEEH
LARLEAVTKEIETTGTYQLTLDELIFATKMAWRNAPRCIGRIQWSNLQVFDARNCSTAQEMFQHICRHILYATNNGNIRS
AITVFPQRSDGKHDFRLWNSQLIRYAGYQMPDGTIRGDAATLEFTQLCIDLGWKPRYGRFDVLPLVLQADGQDPEVFEIP
PDLVLEVTMEHPKYEWFQELGLKWYALPAVANMLLEVGGLEFPACPFNGWYMGTEIGVRDFCDTQRYNILEEVGRRMGLE
THTLASLWKDRAVTEINVAVLHSFQKQNVTIMDHHTASESFMKHMQNEYRARGGCPADWIWLVPPVSGSITPVFHQEMLN
YVLSPFYYYQIEPWKTHIWQ
;
_entity_poly.pdbx_strand_id   A,B
#
# COMPACT_ATOMS: atom_id res chain seq x y z
N GLN A 1 -11.03 9.80 -54.19
CA GLN A 1 -10.06 8.94 -54.86
C GLN A 1 -8.79 8.82 -54.02
N TYR A 2 -8.23 9.96 -53.66
CA TYR A 2 -7.02 10.04 -52.84
C TYR A 2 -6.97 11.43 -52.21
N VAL A 3 -6.15 11.61 -51.19
CA VAL A 3 -6.06 12.91 -50.56
C VAL A 3 -4.77 13.62 -50.92
N ARG A 4 -4.90 14.88 -51.34
CA ARG A 4 -3.76 15.70 -51.71
C ARG A 4 -3.09 16.20 -50.44
N ILE A 5 -1.78 16.05 -50.39
CA ILE A 5 -0.99 16.47 -49.24
C ILE A 5 0.18 17.33 -49.70
N LYS A 6 0.35 18.47 -49.06
CA LYS A 6 1.40 19.39 -49.44
C LYS A 6 2.42 19.72 -48.36
N ASN A 7 3.66 19.89 -48.80
CA ASN A 7 4.72 20.28 -47.90
C ASN A 7 4.91 21.76 -48.19
N TRP A 8 4.60 22.60 -47.21
CA TRP A 8 4.69 24.04 -47.37
C TRP A 8 6.07 24.65 -47.34
N GLY A 9 7.09 23.82 -47.21
CA GLY A 9 8.45 24.32 -47.20
C GLY A 9 9.07 24.16 -48.57
N SER A 10 8.92 22.96 -49.12
CA SER A 10 9.47 22.62 -50.43
C SER A 10 8.45 22.86 -51.54
N GLY A 11 7.18 22.91 -51.16
CA GLY A 11 6.12 23.12 -52.12
C GLY A 11 5.65 21.81 -52.73
N GLU A 12 6.39 20.74 -52.47
CA GLU A 12 6.10 19.42 -53.00
C GLU A 12 4.72 18.86 -52.62
N ILE A 13 4.10 18.18 -53.57
CA ILE A 13 2.79 17.59 -53.36
C ILE A 13 2.81 16.07 -53.45
N LEU A 14 2.09 15.43 -52.54
CA LEU A 14 1.98 13.98 -52.50
C LEU A 14 0.51 13.62 -52.46
N HIS A 15 0.18 12.44 -52.98
CA HIS A 15 -1.21 11.97 -52.98
C HIS A 15 -1.26 10.72 -52.12
N ASP A 16 -2.05 10.76 -51.06
CA ASP A 16 -2.16 9.62 -50.16
C ASP A 16 -3.21 8.63 -50.64
N THR A 17 -2.76 7.40 -50.88
CA THR A 17 -3.61 6.30 -51.31
C THR A 17 -3.90 5.37 -50.12
N LEU A 18 -2.86 5.15 -49.31
CA LEU A 18 -2.88 4.26 -48.14
C LEU A 18 -4.02 4.39 -47.15
N HIS A 19 -4.50 5.60 -46.92
CA HIS A 19 -5.59 5.80 -45.96
C HIS A 19 -6.84 4.94 -46.20
N HIS A 20 -6.96 4.37 -47.38
CA HIS A 20 -8.11 3.53 -47.72
C HIS A 20 -8.11 2.20 -46.98
N LYS A 21 -6.93 1.73 -46.63
CA LYS A 21 -6.77 0.47 -45.92
C LYS A 21 -6.95 0.61 -44.42
N ALA A 22 -7.31 1.81 -43.99
CA ALA A 22 -7.50 2.12 -42.58
C ALA A 22 -8.57 1.30 -41.88
N THR A 23 -8.43 1.25 -40.55
CA THR A 23 -9.33 0.51 -39.66
C THR A 23 -10.67 1.21 -39.44
N SER A 24 -11.69 0.38 -39.21
CA SER A 24 -13.07 0.81 -38.98
C SER A 24 -13.32 2.27 -38.58
N ASP A 25 -12.80 2.68 -37.42
CA ASP A 25 -12.97 4.05 -36.95
C ASP A 25 -11.72 4.58 -36.27
N PHE A 26 -11.41 5.85 -36.55
CA PHE A 26 -10.24 6.49 -35.95
C PHE A 26 -10.65 7.36 -34.75
N THR A 27 -9.76 8.26 -34.35
CA THR A 27 -9.98 9.13 -33.19
C THR A 27 -10.93 10.31 -33.35
N CYS A 28 -11.16 10.76 -34.58
CA CYS A 28 -12.01 11.91 -34.81
C CYS A 28 -13.47 11.67 -35.18
N LYS A 29 -14.32 12.60 -34.75
CA LYS A 29 -15.74 12.57 -35.05
C LYS A 29 -15.94 13.40 -36.32
N SER A 30 -17.15 13.36 -36.90
CA SER A 30 -17.46 14.09 -38.12
C SER A 30 -17.44 15.62 -37.95
N LYS A 31 -17.89 16.10 -36.79
CA LYS A 31 -17.95 17.55 -36.51
C LYS A 31 -16.86 18.05 -35.54
N SER A 32 -15.87 17.21 -35.23
CA SER A 32 -14.82 17.60 -34.31
C SER A 32 -13.50 16.85 -34.52
N CYS A 33 -12.39 17.51 -34.22
CA CYS A 33 -11.08 16.89 -34.35
C CYS A 33 -10.57 16.61 -32.94
N LEU A 34 -10.22 15.34 -32.71
CA LEU A 34 -9.73 14.86 -31.43
C LEU A 34 -8.25 14.46 -31.48
N GLY A 35 -7.56 14.89 -32.54
CA GLY A 35 -6.14 14.57 -32.72
C GLY A 35 -5.24 14.95 -31.54
N SER A 36 -5.66 15.94 -30.78
CA SER A 36 -4.92 16.44 -29.63
C SER A 36 -4.99 15.52 -28.39
N ILE A 37 -5.92 14.58 -28.39
CA ILE A 37 -6.08 13.65 -27.28
C ILE A 37 -4.92 12.66 -27.18
N MET A 38 -4.34 12.56 -25.99
CA MET A 38 -3.23 11.64 -25.76
C MET A 38 -3.62 10.17 -25.86
N ASN A 39 -4.62 9.77 -25.08
CA ASN A 39 -5.06 8.38 -25.05
C ASN A 39 -6.47 8.14 -25.57
N PRO A 40 -6.69 8.33 -26.88
CA PRO A 40 -8.05 8.10 -27.38
C PRO A 40 -8.35 6.60 -27.46
N LYS A 41 -9.63 6.24 -27.39
CA LYS A 41 -10.04 4.84 -27.48
C LYS A 41 -9.60 4.19 -28.80
N SER A 42 -9.58 4.98 -29.87
CA SER A 42 -9.18 4.48 -31.18
C SER A 42 -7.73 4.01 -31.21
N LEU A 43 -6.95 4.41 -30.21
CA LEU A 43 -5.56 4.00 -30.14
C LEU A 43 -5.33 2.98 -29.02
N THR A 44 -6.44 2.56 -28.39
CA THR A 44 -6.40 1.60 -27.29
C THR A 44 -7.07 0.26 -27.58
N ARG A 45 -6.40 -0.82 -27.21
CA ARG A 45 -6.92 -2.18 -27.38
C ARG A 45 -6.99 -2.79 -25.97
N GLY A 46 -8.20 -2.79 -25.42
CA GLY A 46 -8.42 -3.28 -24.07
C GLY A 46 -8.47 -4.77 -23.79
N PRO A 47 -8.98 -5.15 -22.60
CA PRO A 47 -9.15 -6.51 -22.06
C PRO A 47 -10.19 -7.35 -22.81
N ARG A 48 -10.28 -8.62 -22.43
CA ARG A 48 -11.22 -9.57 -23.02
C ARG A 48 -11.60 -10.69 -22.06
N ASP A 49 -12.75 -11.32 -22.33
CA ASP A 49 -13.29 -12.43 -21.53
C ASP A 49 -13.28 -13.71 -22.34
N LYS A 50 -13.55 -13.56 -23.64
CA LYS A 50 -13.63 -14.69 -24.55
C LYS A 50 -12.65 -14.53 -25.70
N PRO A 51 -12.34 -15.63 -26.40
CA PRO A 51 -11.41 -15.58 -27.53
C PRO A 51 -12.02 -14.76 -28.67
N THR A 52 -11.18 -14.41 -29.64
CA THR A 52 -11.65 -13.64 -30.79
C THR A 52 -12.59 -14.51 -31.62
N PRO A 53 -13.82 -14.02 -31.88
CA PRO A 53 -14.79 -14.78 -32.68
C PRO A 53 -14.17 -15.20 -34.00
N LEU A 54 -14.34 -16.46 -34.35
CA LEU A 54 -13.79 -17.05 -35.58
C LEU A 54 -14.04 -16.22 -36.82
N GLU A 55 -15.27 -15.71 -36.95
CA GLU A 55 -15.65 -14.93 -38.12
C GLU A 55 -14.86 -13.62 -38.27
N GLU A 56 -14.36 -13.10 -37.15
CA GLU A 56 -13.58 -11.87 -37.20
C GLU A 56 -12.12 -12.24 -37.44
N LEU A 57 -11.67 -13.29 -36.77
CA LEU A 57 -10.30 -13.76 -36.88
C LEU A 57 -9.87 -14.19 -38.28
N LEU A 58 -10.66 -15.06 -38.89
CA LEU A 58 -10.33 -15.59 -40.21
C LEU A 58 -10.03 -14.54 -41.30
N PRO A 59 -10.95 -13.58 -41.54
CA PRO A 59 -10.68 -12.57 -42.58
C PRO A 59 -9.40 -11.80 -42.27
N HIS A 60 -9.20 -11.46 -41.00
CA HIS A 60 -8.00 -10.72 -40.60
C HIS A 60 -6.75 -11.55 -40.84
N ALA A 61 -6.83 -12.84 -40.50
CA ALA A 61 -5.70 -13.74 -40.69
C ALA A 61 -5.34 -13.83 -42.17
N ILE A 62 -6.35 -14.09 -43.01
CA ILE A 62 -6.17 -14.19 -44.47
C ILE A 62 -5.57 -12.91 -45.01
N GLU A 63 -6.14 -11.78 -44.59
CA GLU A 63 -5.66 -10.47 -45.04
C GLU A 63 -4.19 -10.26 -44.67
N PHE A 64 -3.79 -10.66 -43.46
CA PHE A 64 -2.40 -10.51 -43.08
C PHE A 64 -1.49 -11.38 -43.95
N ILE A 65 -1.87 -12.64 -44.14
CA ILE A 65 -1.10 -13.56 -44.97
C ILE A 65 -0.91 -13.06 -46.40
N ASN A 66 -1.94 -12.45 -46.95
CA ASN A 66 -1.86 -11.91 -48.31
C ASN A 66 -0.90 -10.74 -48.32
N GLN A 67 -0.92 -9.93 -47.25
CA GLN A 67 -0.02 -8.80 -47.14
C GLN A 67 1.40 -9.33 -47.08
N TYR A 68 1.61 -10.29 -46.19
CA TYR A 68 2.90 -10.93 -46.01
C TYR A 68 3.43 -11.49 -47.32
N TYR A 69 2.68 -12.40 -47.93
CA TYR A 69 3.10 -13.01 -49.20
C TYR A 69 3.16 -12.05 -50.38
N GLY A 70 2.40 -10.96 -50.31
CA GLY A 70 2.43 -9.98 -51.38
C GLY A 70 3.61 -9.04 -51.25
N SER A 71 4.47 -9.34 -50.27
CA SER A 71 5.64 -8.54 -49.99
C SER A 71 6.85 -8.90 -50.83
N PHE A 72 7.24 -10.18 -50.77
CA PHE A 72 8.40 -10.70 -51.50
C PHE A 72 8.49 -10.26 -52.96
N LYS A 73 9.72 -9.98 -53.41
CA LYS A 73 9.98 -9.58 -54.79
C LYS A 73 9.35 -10.56 -55.76
N GLU A 74 9.67 -11.85 -55.60
CA GLU A 74 9.08 -12.86 -56.47
C GLU A 74 8.18 -13.72 -55.58
N ALA A 75 6.88 -13.54 -55.72
CA ALA A 75 5.88 -14.24 -54.92
C ALA A 75 6.00 -15.77 -54.91
N LYS A 76 5.92 -16.34 -53.71
CA LYS A 76 5.97 -17.78 -53.53
C LYS A 76 4.52 -18.27 -53.50
N ILE A 77 3.86 -18.16 -54.66
CA ILE A 77 2.46 -18.53 -54.84
C ILE A 77 2.01 -19.85 -54.21
N GLU A 78 2.74 -20.92 -54.49
CA GLU A 78 2.39 -22.24 -53.95
C GLU A 78 2.38 -22.17 -52.43
N GLU A 79 3.45 -21.59 -51.86
CA GLU A 79 3.58 -21.45 -50.43
C GLU A 79 2.51 -20.49 -49.89
N HIS A 80 2.22 -19.45 -50.67
CA HIS A 80 1.21 -18.48 -50.31
C HIS A 80 -0.13 -19.20 -50.12
N LEU A 81 -0.53 -19.96 -51.14
CA LEU A 81 -1.78 -20.72 -51.10
C LEU A 81 -1.72 -21.77 -49.99
N ALA A 82 -0.55 -22.40 -49.86
CA ALA A 82 -0.34 -23.42 -48.84
C ALA A 82 -0.49 -22.85 -47.43
N ARG A 83 0.02 -21.64 -47.23
CA ARG A 83 -0.07 -20.99 -45.92
C ARG A 83 -1.52 -20.61 -45.65
N LEU A 84 -2.18 -20.07 -46.68
CA LEU A 84 -3.58 -19.67 -46.55
C LEU A 84 -4.40 -20.87 -46.08
N GLU A 85 -4.09 -22.03 -46.68
CA GLU A 85 -4.76 -23.29 -46.35
C GLU A 85 -4.47 -23.76 -44.93
N ALA A 86 -3.18 -23.84 -44.59
CA ALA A 86 -2.77 -24.29 -43.26
C ALA A 86 -3.26 -23.38 -42.14
N VAL A 87 -3.34 -22.09 -42.41
CA VAL A 87 -3.82 -21.15 -41.40
C VAL A 87 -5.30 -21.32 -41.13
N THR A 88 -6.08 -21.46 -42.20
CA THR A 88 -7.52 -21.65 -42.08
C THR A 88 -7.76 -22.93 -41.29
N LYS A 89 -7.04 -23.98 -41.68
CA LYS A 89 -7.12 -25.29 -41.05
C LYS A 89 -6.78 -25.19 -39.56
N GLU A 90 -5.71 -24.47 -39.25
CA GLU A 90 -5.29 -24.29 -37.87
C GLU A 90 -6.33 -23.52 -37.05
N ILE A 91 -6.92 -22.51 -37.67
CA ILE A 91 -7.93 -21.70 -37.00
C ILE A 91 -9.16 -22.55 -36.68
N GLU A 92 -9.67 -23.26 -37.68
CA GLU A 92 -10.85 -24.09 -37.43
C GLU A 92 -10.61 -25.30 -36.53
N THR A 93 -9.34 -25.57 -36.21
CA THR A 93 -9.02 -26.69 -35.35
C THR A 93 -8.62 -26.27 -33.94
N THR A 94 -8.05 -25.07 -33.81
CA THR A 94 -7.58 -24.60 -32.51
C THR A 94 -8.27 -23.35 -31.97
N GLY A 95 -8.94 -22.62 -32.86
CA GLY A 95 -9.61 -21.40 -32.44
C GLY A 95 -8.74 -20.24 -32.87
N THR A 96 -7.46 -20.35 -32.54
CA THR A 96 -6.48 -19.33 -32.90
C THR A 96 -5.47 -19.97 -33.84
N TYR A 97 -4.40 -19.25 -34.14
CA TYR A 97 -3.35 -19.77 -35.00
C TYR A 97 -2.02 -19.15 -34.61
N GLN A 98 -0.94 -19.82 -35.01
CA GLN A 98 0.40 -19.35 -34.70
C GLN A 98 1.10 -18.77 -35.91
N LEU A 99 1.79 -17.64 -35.70
CA LEU A 99 2.52 -17.01 -36.78
C LEU A 99 3.88 -17.67 -36.97
N THR A 100 4.37 -17.71 -38.20
CA THR A 100 5.70 -18.28 -38.40
C THR A 100 6.66 -17.18 -37.94
N LEU A 101 7.89 -17.55 -37.61
CA LEU A 101 8.84 -16.56 -37.14
C LEU A 101 9.05 -15.46 -38.18
N ASP A 102 9.11 -15.83 -39.45
CA ASP A 102 9.31 -14.84 -40.51
C ASP A 102 8.12 -13.90 -40.63
N GLU A 103 6.94 -14.41 -40.32
CA GLU A 103 5.73 -13.59 -40.36
C GLU A 103 5.72 -12.63 -39.20
N LEU A 104 6.19 -13.09 -38.04
CA LEU A 104 6.24 -12.26 -36.82
C LEU A 104 7.17 -11.08 -37.09
N ILE A 105 8.34 -11.40 -37.60
CA ILE A 105 9.36 -10.40 -37.92
C ILE A 105 8.73 -9.36 -38.84
N PHE A 106 8.10 -9.82 -39.92
CA PHE A 106 7.45 -8.92 -40.87
C PHE A 106 6.40 -8.09 -40.14
N ALA A 107 5.64 -8.76 -39.28
CA ALA A 107 4.58 -8.13 -38.51
C ALA A 107 5.08 -7.01 -37.60
N THR A 108 6.17 -7.26 -36.86
CA THR A 108 6.70 -6.25 -35.95
C THR A 108 7.21 -5.02 -36.67
N LYS A 109 7.86 -5.25 -37.82
CA LYS A 109 8.38 -4.14 -38.61
C LYS A 109 7.25 -3.32 -39.23
N MET A 110 6.23 -4.00 -39.77
CA MET A 110 5.09 -3.29 -40.37
C MET A 110 4.38 -2.47 -39.29
N ALA A 111 4.18 -3.08 -38.12
CA ALA A 111 3.52 -2.38 -37.01
C ALA A 111 4.28 -1.08 -36.69
N TRP A 112 5.61 -1.20 -36.61
CA TRP A 112 6.47 -0.05 -36.34
C TRP A 112 6.30 0.93 -37.53
N ARG A 113 6.30 0.36 -38.72
CA ARG A 113 6.14 1.09 -39.96
C ARG A 113 4.81 1.87 -39.92
N ASN A 114 3.82 1.30 -39.25
CA ASN A 114 2.49 1.89 -39.11
C ASN A 114 2.31 2.71 -37.82
N ALA A 115 3.40 3.02 -37.12
CA ALA A 115 3.29 3.79 -35.88
C ALA A 115 3.29 5.26 -36.27
N PRO A 116 2.10 5.89 -36.25
CA PRO A 116 2.01 7.31 -36.63
C PRO A 116 2.67 8.28 -35.69
N ARG A 117 3.03 7.80 -34.50
CA ARG A 117 3.66 8.67 -33.52
C ARG A 117 5.18 8.51 -33.43
N CYS A 118 5.72 7.59 -34.23
CA CYS A 118 7.17 7.36 -34.21
C CYS A 118 7.89 8.12 -35.32
N ILE A 119 8.96 8.83 -34.96
CA ILE A 119 9.74 9.59 -35.93
C ILE A 119 10.95 8.83 -36.42
N GLY A 120 11.23 7.69 -35.78
CA GLY A 120 12.40 6.90 -36.13
C GLY A 120 12.16 5.83 -37.18
N ARG A 121 10.98 5.85 -37.77
CA ARG A 121 10.58 4.85 -38.77
C ARG A 121 11.42 4.59 -40.03
N ILE A 122 12.45 5.39 -40.28
CA ILE A 122 13.29 5.14 -41.46
C ILE A 122 14.13 3.89 -41.15
N GLN A 123 14.20 3.54 -39.87
CA GLN A 123 14.94 2.39 -39.36
C GLN A 123 14.09 1.11 -39.30
N TRP A 124 12.87 1.18 -39.81
CA TRP A 124 11.92 0.07 -39.76
C TRP A 124 12.42 -1.31 -40.18
N SER A 125 13.35 -1.39 -41.12
CA SER A 125 13.84 -2.70 -41.55
C SER A 125 14.98 -3.24 -40.69
N ASN A 126 15.47 -2.43 -39.74
CA ASN A 126 16.55 -2.86 -38.84
C ASN A 126 15.98 -3.09 -37.44
N LEU A 127 15.43 -4.27 -37.20
CA LEU A 127 14.82 -4.60 -35.92
C LEU A 127 15.04 -6.05 -35.55
N GLN A 128 15.63 -6.27 -34.37
CA GLN A 128 15.89 -7.59 -33.86
C GLN A 128 14.62 -8.07 -33.15
N VAL A 129 14.20 -9.28 -33.45
CA VAL A 129 12.99 -9.81 -32.84
C VAL A 129 13.27 -11.00 -31.93
N PHE A 130 12.86 -10.88 -30.67
CA PHE A 130 13.06 -11.97 -29.73
C PHE A 130 11.75 -12.73 -29.52
N ASP A 131 11.73 -13.96 -30.01
CA ASP A 131 10.55 -14.83 -29.92
C ASP A 131 10.45 -15.50 -28.55
N ALA A 132 9.59 -14.96 -27.70
CA ALA A 132 9.37 -15.50 -26.36
C ALA A 132 7.92 -15.96 -26.23
N ARG A 133 7.34 -16.39 -27.35
CA ARG A 133 5.96 -16.85 -27.36
C ARG A 133 5.76 -18.16 -26.59
N ASN A 134 6.87 -18.82 -26.28
CA ASN A 134 6.84 -20.09 -25.55
C ASN A 134 7.01 -19.86 -24.05
N CYS A 135 7.08 -18.59 -23.63
CA CYS A 135 7.26 -18.26 -22.22
C CYS A 135 6.01 -18.63 -21.41
N SER A 136 6.20 -19.04 -20.15
CA SER A 136 5.05 -19.41 -19.33
C SER A 136 5.02 -18.85 -17.92
N THR A 137 6.19 -18.50 -17.40
CA THR A 137 6.27 -17.94 -16.04
C THR A 137 6.86 -16.54 -15.98
N ALA A 138 6.60 -15.87 -14.86
CA ALA A 138 7.11 -14.53 -14.64
C ALA A 138 8.62 -14.52 -14.65
N GLN A 139 9.21 -15.53 -14.01
CA GLN A 139 10.66 -15.64 -13.95
C GLN A 139 11.26 -15.76 -15.36
N GLU A 140 10.54 -16.46 -16.24
CA GLU A 140 10.99 -16.63 -17.61
C GLU A 140 10.83 -15.32 -18.39
N MET A 141 9.79 -14.55 -18.05
CA MET A 141 9.59 -13.27 -18.70
C MET A 141 10.77 -12.38 -18.33
N PHE A 142 11.05 -12.35 -17.02
CA PHE A 142 12.14 -11.57 -16.45
C PHE A 142 13.47 -11.87 -17.12
N GLN A 143 13.71 -13.16 -17.39
CA GLN A 143 14.94 -13.59 -18.04
C GLN A 143 14.98 -13.07 -19.46
N HIS A 144 13.85 -13.17 -20.16
CA HIS A 144 13.76 -12.69 -21.53
C HIS A 144 14.01 -11.18 -21.56
N ILE A 145 13.40 -10.47 -20.63
CA ILE A 145 13.55 -9.02 -20.54
C ILE A 145 15.01 -8.62 -20.30
N CYS A 146 15.72 -9.40 -19.48
CA CYS A 146 17.13 -9.12 -19.22
C CYS A 146 17.98 -9.32 -20.49
N ARG A 147 17.67 -10.35 -21.26
CA ARG A 147 18.40 -10.62 -22.51
C ARG A 147 18.13 -9.47 -23.49
N HIS A 148 16.94 -8.91 -23.40
CA HIS A 148 16.55 -7.81 -24.25
C HIS A 148 17.34 -6.56 -23.91
N ILE A 149 17.28 -6.16 -22.65
CA ILE A 149 18.02 -4.99 -22.20
C ILE A 149 19.50 -5.12 -22.56
N LEU A 150 20.07 -6.27 -22.23
CA LEU A 150 21.48 -6.50 -22.51
C LEU A 150 21.80 -6.37 -24.00
N TYR A 151 21.01 -7.03 -24.84
CA TYR A 151 21.20 -6.97 -26.29
C TYR A 151 21.01 -5.57 -26.88
N ALA A 152 19.90 -4.93 -26.52
CA ALA A 152 19.57 -3.60 -27.02
C ALA A 152 20.62 -2.56 -26.66
N THR A 153 21.07 -2.61 -25.40
CA THR A 153 22.08 -1.68 -24.89
C THR A 153 23.40 -1.78 -25.64
N ASN A 154 23.87 -3.02 -25.84
CA ASN A 154 25.11 -3.27 -26.57
C ASN A 154 26.25 -2.33 -26.17
N ASN A 155 26.31 -2.03 -24.87
CA ASN A 155 27.35 -1.15 -24.33
C ASN A 155 27.35 0.23 -25.04
N GLY A 156 26.18 0.85 -25.05
CA GLY A 156 26.01 2.15 -25.68
C GLY A 156 25.68 2.20 -27.17
N ASN A 157 26.09 1.19 -27.94
CA ASN A 157 25.81 1.17 -29.38
C ASN A 157 24.41 0.57 -29.60
N ILE A 158 23.39 1.23 -29.03
CA ILE A 158 21.99 0.82 -29.09
C ILE A 158 21.51 0.14 -30.36
N ARG A 159 20.77 -0.95 -30.18
CA ARG A 159 20.20 -1.72 -31.27
C ARG A 159 18.69 -1.84 -31.02
N SER A 160 17.90 -1.59 -32.06
CA SER A 160 16.44 -1.67 -31.97
C SER A 160 16.08 -3.14 -31.82
N ALA A 161 15.20 -3.43 -30.87
CA ALA A 161 14.79 -4.80 -30.65
C ALA A 161 13.42 -4.85 -30.02
N ILE A 162 12.77 -6.00 -30.13
CA ILE A 162 11.45 -6.21 -29.55
C ILE A 162 11.35 -7.65 -29.05
N THR A 163 10.65 -7.85 -27.94
CA THR A 163 10.49 -9.19 -27.41
C THR A 163 9.02 -9.54 -27.38
N VAL A 164 8.66 -10.54 -28.17
CA VAL A 164 7.26 -10.96 -28.26
C VAL A 164 6.94 -12.12 -27.34
N PHE A 165 6.06 -11.86 -26.39
CA PHE A 165 5.61 -12.87 -25.44
C PHE A 165 4.35 -13.56 -25.99
N PRO A 166 3.86 -14.61 -25.31
CA PRO A 166 2.65 -15.31 -25.81
C PRO A 166 1.44 -14.42 -26.08
N GLN A 167 0.80 -14.68 -27.22
CA GLN A 167 -0.38 -13.95 -27.67
C GLN A 167 -1.58 -14.19 -26.76
N ARG A 168 -2.48 -13.22 -26.72
CA ARG A 168 -3.70 -13.33 -25.92
C ARG A 168 -4.52 -14.50 -26.44
N SER A 169 -4.88 -15.40 -25.54
CA SER A 169 -5.67 -16.57 -25.92
C SER A 169 -7.15 -16.29 -25.70
N ASP A 170 -7.59 -16.41 -24.45
CA ASP A 170 -8.99 -16.17 -24.11
C ASP A 170 -9.14 -14.79 -23.50
N GLY A 171 -8.02 -14.21 -23.10
CA GLY A 171 -8.04 -12.88 -22.52
C GLY A 171 -7.85 -12.89 -21.01
N LYS A 172 -8.07 -14.05 -20.37
CA LYS A 172 -7.91 -14.16 -18.92
C LYS A 172 -6.56 -14.77 -18.59
N HIS A 173 -5.74 -14.96 -19.61
CA HIS A 173 -4.40 -15.53 -19.46
C HIS A 173 -3.32 -14.65 -20.09
N ASP A 174 -3.51 -13.34 -20.02
CA ASP A 174 -2.57 -12.38 -20.60
C ASP A 174 -1.25 -12.20 -19.88
N PHE A 175 -0.19 -12.05 -20.68
CA PHE A 175 1.14 -11.77 -20.19
C PHE A 175 1.17 -10.24 -20.30
N ARG A 176 1.51 -9.55 -19.23
CA ARG A 176 1.54 -8.11 -19.25
C ARG A 176 2.67 -7.54 -18.42
N LEU A 177 3.31 -6.48 -18.93
CA LEU A 177 4.34 -5.78 -18.19
C LEU A 177 3.60 -4.57 -17.63
N TRP A 178 3.60 -4.44 -16.31
CA TRP A 178 2.91 -3.34 -15.64
C TRP A 178 3.64 -2.02 -15.70
N ASN A 179 4.91 -2.06 -16.11
CA ASN A 179 5.74 -0.86 -16.23
C ASN A 179 5.38 -0.09 -17.51
N SER A 180 5.68 1.21 -17.54
CA SER A 180 5.43 2.05 -18.71
C SER A 180 6.52 1.65 -19.70
N GLN A 181 7.77 1.72 -19.23
CA GLN A 181 8.93 1.34 -20.03
C GLN A 181 9.81 0.40 -19.24
N LEU A 182 10.62 -0.37 -19.94
CA LEU A 182 11.52 -1.32 -19.30
C LEU A 182 12.33 -0.68 -18.18
N ILE A 183 13.03 0.40 -18.50
CA ILE A 183 13.83 1.12 -17.51
C ILE A 183 13.17 2.46 -17.25
N ARG A 184 12.88 2.75 -15.99
CA ARG A 184 12.21 3.99 -15.62
C ARG A 184 12.56 4.33 -14.16
N TYR A 185 12.56 5.61 -13.82
CA TYR A 185 12.90 6.03 -12.46
C TYR A 185 11.68 6.16 -11.59
N ALA A 186 11.89 5.97 -10.29
CA ALA A 186 10.84 6.06 -9.28
C ALA A 186 10.56 7.49 -8.88
N GLY A 187 9.36 7.73 -8.37
CA GLY A 187 8.97 9.03 -7.92
C GLY A 187 8.31 8.90 -6.57
N TYR A 188 8.86 9.59 -5.57
CA TYR A 188 8.31 9.52 -4.21
C TYR A 188 7.82 10.88 -3.74
N GLN A 189 6.71 10.87 -3.01
CA GLN A 189 6.18 12.10 -2.44
C GLN A 189 6.75 12.19 -1.03
N MET A 190 7.87 12.89 -0.91
CA MET A 190 8.56 13.04 0.36
C MET A 190 7.85 13.78 1.49
N PRO A 191 8.30 13.57 2.75
CA PRO A 191 7.78 14.16 3.99
C PRO A 191 7.73 15.68 4.06
N ASP A 192 8.60 16.34 3.30
CA ASP A 192 8.64 17.80 3.27
C ASP A 192 7.80 18.45 2.17
N GLY A 193 6.78 17.72 1.70
CA GLY A 193 5.89 18.23 0.67
C GLY A 193 6.33 18.09 -0.78
N THR A 194 7.65 18.08 -1.01
CA THR A 194 8.21 17.98 -2.36
C THR A 194 7.98 16.60 -3.00
N ILE A 195 8.68 16.34 -4.10
CA ILE A 195 8.59 15.08 -4.83
C ILE A 195 9.97 14.76 -5.37
N ARG A 196 10.46 13.55 -5.12
CA ARG A 196 11.77 13.16 -5.62
C ARG A 196 11.69 12.15 -6.76
N GLY A 197 12.64 12.25 -7.69
CA GLY A 197 12.67 11.36 -8.83
C GLY A 197 11.74 11.75 -9.96
N ASP A 198 11.12 10.74 -10.57
CA ASP A 198 10.19 10.96 -11.67
C ASP A 198 8.74 11.03 -11.19
N ALA A 199 8.22 12.26 -11.13
CA ALA A 199 6.85 12.52 -10.67
C ALA A 199 5.77 11.83 -11.49
N ALA A 200 6.15 11.34 -12.67
CA ALA A 200 5.21 10.66 -13.55
C ALA A 200 5.01 9.22 -13.11
N THR A 201 6.01 8.66 -12.44
CA THR A 201 5.93 7.28 -11.97
C THR A 201 5.52 7.20 -10.51
N LEU A 202 4.82 8.22 -10.02
CA LEU A 202 4.35 8.26 -8.63
C LEU A 202 3.41 7.12 -8.26
N GLU A 203 2.24 7.11 -8.89
CA GLU A 203 1.23 6.07 -8.63
C GLU A 203 1.81 4.67 -8.79
N PHE A 204 2.65 4.48 -9.81
CA PHE A 204 3.25 3.18 -10.05
C PHE A 204 4.30 2.82 -8.99
N THR A 205 4.97 3.84 -8.46
CA THR A 205 5.98 3.60 -7.43
C THR A 205 5.28 3.06 -6.19
N GLN A 206 4.14 3.65 -5.86
CA GLN A 206 3.35 3.22 -4.71
C GLN A 206 2.98 1.75 -4.91
N LEU A 207 2.50 1.42 -6.11
CA LEU A 207 2.12 0.05 -6.44
C LEU A 207 3.26 -0.93 -6.18
N CYS A 208 4.45 -0.53 -6.59
CA CYS A 208 5.63 -1.36 -6.37
C CYS A 208 5.90 -1.52 -4.87
N ILE A 209 5.67 -0.45 -4.11
CA ILE A 209 5.88 -0.45 -2.67
C ILE A 209 4.88 -1.43 -2.05
N ASP A 210 3.61 -1.27 -2.40
CA ASP A 210 2.54 -2.12 -1.90
C ASP A 210 2.78 -3.60 -2.22
N LEU A 211 3.62 -3.87 -3.20
CA LEU A 211 3.93 -5.23 -3.61
C LEU A 211 5.24 -5.69 -2.99
N GLY A 212 5.68 -4.98 -1.95
CA GLY A 212 6.90 -5.33 -1.26
C GLY A 212 8.22 -4.88 -1.86
N TRP A 213 8.23 -3.74 -2.52
CA TRP A 213 9.47 -3.24 -3.12
C TRP A 213 10.14 -2.28 -2.13
N LYS A 214 11.46 -2.34 -2.08
CA LYS A 214 12.26 -1.51 -1.17
C LYS A 214 12.57 -0.13 -1.75
N PRO A 215 11.83 0.91 -1.30
CA PRO A 215 12.02 2.29 -1.77
C PRO A 215 13.36 2.89 -1.35
N ARG A 216 14.23 3.11 -2.32
CA ARG A 216 15.55 3.67 -2.06
C ARG A 216 15.57 5.20 -1.91
N TYR A 217 14.39 5.82 -1.97
CA TYR A 217 14.18 7.26 -1.83
C TYR A 217 15.18 8.23 -2.47
N GLY A 218 15.37 8.09 -3.78
CA GLY A 218 16.30 8.94 -4.50
C GLY A 218 15.65 9.67 -5.67
N ARG A 219 16.48 10.24 -6.53
CA ARG A 219 16.00 10.97 -7.70
C ARG A 219 16.04 10.10 -8.94
N PHE A 220 16.99 9.16 -8.97
CA PHE A 220 17.15 8.27 -10.11
C PHE A 220 17.16 6.77 -9.74
N ASP A 221 16.16 6.34 -8.99
CA ASP A 221 16.06 4.94 -8.60
C ASP A 221 15.33 4.12 -9.66
N VAL A 222 16.07 3.25 -10.33
CA VAL A 222 15.50 2.39 -11.37
C VAL A 222 14.42 1.52 -10.75
N LEU A 223 13.19 1.69 -11.24
CA LEU A 223 12.04 0.93 -10.75
C LEU A 223 12.14 -0.55 -11.11
N PRO A 224 11.42 -1.42 -10.36
CA PRO A 224 11.43 -2.86 -10.61
C PRO A 224 10.46 -3.29 -11.71
N LEU A 225 10.80 -4.39 -12.37
CA LEU A 225 9.97 -4.97 -13.41
C LEU A 225 8.79 -5.62 -12.67
N VAL A 226 7.55 -5.26 -13.05
CA VAL A 226 6.37 -5.84 -12.44
C VAL A 226 5.70 -6.67 -13.52
N LEU A 227 5.98 -7.97 -13.47
CA LEU A 227 5.51 -8.91 -14.47
C LEU A 227 4.33 -9.82 -14.13
N GLN A 228 3.40 -9.95 -15.06
CA GLN A 228 2.26 -10.83 -14.86
C GLN A 228 2.25 -11.84 -16.01
N ALA A 229 2.28 -13.12 -15.68
CA ALA A 229 2.29 -14.18 -16.68
C ALA A 229 1.04 -15.04 -16.63
N ASP A 230 0.58 -15.49 -17.80
CA ASP A 230 -0.61 -16.34 -17.92
C ASP A 230 -1.75 -15.89 -17.02
N GLY A 231 -1.93 -14.58 -16.90
CA GLY A 231 -3.00 -14.06 -16.07
C GLY A 231 -2.78 -14.05 -14.56
N GLN A 232 -1.74 -14.72 -14.07
CA GLN A 232 -1.48 -14.75 -12.62
C GLN A 232 -1.12 -13.36 -12.10
N ASP A 233 -1.16 -13.18 -10.80
CA ASP A 233 -0.82 -11.91 -10.18
C ASP A 233 0.61 -11.53 -10.54
N PRO A 234 0.88 -10.21 -10.64
CA PRO A 234 2.20 -9.70 -10.98
C PRO A 234 3.29 -9.98 -9.93
N GLU A 235 4.44 -10.45 -10.39
CA GLU A 235 5.57 -10.74 -9.52
C GLU A 235 6.60 -9.63 -9.71
N VAL A 236 7.12 -9.13 -8.59
CA VAL A 236 8.11 -8.05 -8.62
C VAL A 236 9.54 -8.56 -8.77
N PHE A 237 10.24 -8.05 -9.77
CA PHE A 237 11.64 -8.43 -10.03
C PHE A 237 12.48 -7.16 -10.19
N GLU A 238 13.55 -7.06 -9.42
CA GLU A 238 14.42 -5.91 -9.49
C GLU A 238 15.39 -6.10 -10.67
N ILE A 239 15.65 -5.04 -11.42
CA ILE A 239 16.55 -5.15 -12.56
C ILE A 239 18.00 -5.06 -12.12
N PRO A 240 18.83 -6.00 -12.58
CA PRO A 240 20.25 -6.05 -12.24
C PRO A 240 20.95 -4.77 -12.72
N PRO A 241 21.47 -3.96 -11.78
CA PRO A 241 22.16 -2.71 -12.09
C PRO A 241 23.19 -2.82 -13.20
N ASP A 242 23.86 -3.96 -13.30
CA ASP A 242 24.86 -4.15 -14.34
C ASP A 242 24.25 -4.01 -15.73
N LEU A 243 22.93 -4.15 -15.81
CA LEU A 243 22.23 -4.07 -17.09
C LEU A 243 21.78 -2.65 -17.46
N VAL A 244 21.45 -1.85 -16.44
CA VAL A 244 20.97 -0.48 -16.65
C VAL A 244 22.08 0.55 -16.92
N LEU A 245 22.39 0.77 -18.19
CA LEU A 245 23.40 1.74 -18.61
C LEU A 245 22.84 3.15 -18.54
N GLU A 246 23.57 4.03 -17.86
CA GLU A 246 23.15 5.43 -17.70
C GLU A 246 24.20 6.41 -18.21
N VAL A 247 23.75 7.63 -18.51
CA VAL A 247 24.62 8.69 -18.99
C VAL A 247 24.52 9.85 -17.99
N THR A 248 25.65 10.23 -17.39
CA THR A 248 25.65 11.34 -16.44
C THR A 248 25.73 12.63 -17.25
N MET A 249 24.86 13.58 -16.93
CA MET A 249 24.80 14.84 -17.67
C MET A 249 25.89 15.86 -17.38
N GLU A 250 26.51 16.37 -18.44
CA GLU A 250 27.53 17.41 -18.32
C GLU A 250 27.59 18.31 -19.56
N HIS A 251 27.58 19.61 -19.32
CA HIS A 251 27.64 20.59 -20.40
C HIS A 251 29.08 20.74 -20.88
N PRO A 252 29.28 20.88 -22.20
CA PRO A 252 30.62 21.05 -22.76
C PRO A 252 31.27 22.40 -22.52
N LYS A 253 30.60 23.26 -21.75
CA LYS A 253 31.12 24.59 -21.48
C LYS A 253 30.80 25.02 -20.05
N TYR A 254 29.61 24.65 -19.58
CA TYR A 254 29.19 24.99 -18.23
C TYR A 254 29.57 23.86 -17.27
N GLU A 255 30.76 23.97 -16.67
CA GLU A 255 31.26 22.96 -15.75
C GLU A 255 30.40 22.78 -14.50
N TRP A 256 29.53 23.76 -14.24
CA TRP A 256 28.63 23.71 -13.10
C TRP A 256 27.40 22.84 -13.36
N PHE A 257 27.23 22.42 -14.61
CA PHE A 257 26.09 21.60 -14.99
C PHE A 257 26.11 20.21 -14.35
N GLN A 258 27.29 19.61 -14.29
CA GLN A 258 27.41 18.29 -13.67
C GLN A 258 27.14 18.36 -12.18
N GLU A 259 27.28 19.55 -11.61
CA GLU A 259 27.03 19.77 -10.19
C GLU A 259 25.54 19.58 -9.88
N LEU A 260 24.73 19.49 -10.94
CA LEU A 260 23.29 19.28 -10.80
C LEU A 260 22.98 17.84 -10.45
N GLY A 261 23.96 16.95 -10.68
CA GLY A 261 23.80 15.55 -10.38
C GLY A 261 22.67 14.93 -11.16
N LEU A 262 22.72 15.11 -12.49
CA LEU A 262 21.71 14.61 -13.39
C LEU A 262 22.23 13.50 -14.27
N LYS A 263 21.34 12.58 -14.60
CA LYS A 263 21.66 11.47 -15.47
C LYS A 263 20.37 10.90 -16.02
N TRP A 264 20.49 10.01 -16.99
CA TRP A 264 19.32 9.38 -17.56
C TRP A 264 19.74 8.04 -18.14
N TYR A 265 18.78 7.11 -18.21
CA TYR A 265 19.07 5.80 -18.77
C TYR A 265 19.22 5.91 -20.28
N ALA A 266 20.09 5.08 -20.83
CA ALA A 266 20.34 5.11 -22.26
C ALA A 266 19.37 4.28 -23.09
N LEU A 267 18.45 3.59 -22.43
CA LEU A 267 17.54 2.72 -23.15
C LEU A 267 16.05 3.04 -23.08
N PRO A 268 15.49 3.59 -24.18
CA PRO A 268 14.07 3.93 -24.24
C PRO A 268 13.38 2.66 -24.75
N ALA A 269 12.64 2.00 -23.87
CA ALA A 269 11.98 0.77 -24.25
C ALA A 269 10.54 0.76 -23.80
N VAL A 270 9.62 0.92 -24.75
CA VAL A 270 8.20 0.93 -24.42
C VAL A 270 7.81 -0.47 -23.97
N ALA A 271 7.19 -0.53 -22.80
CA ALA A 271 6.85 -1.81 -22.20
C ALA A 271 5.39 -2.22 -22.15
N ASN A 272 4.48 -1.26 -22.19
CA ASN A 272 3.07 -1.57 -22.08
C ASN A 272 2.18 -1.60 -23.32
N MET A 273 2.76 -1.64 -24.51
CA MET A 273 1.92 -1.68 -25.72
C MET A 273 1.57 -3.06 -26.26
N LEU A 274 0.49 -3.10 -27.03
CA LEU A 274 0.00 -4.34 -27.61
C LEU A 274 0.21 -4.39 -29.11
N LEU A 275 0.68 -5.55 -29.60
CA LEU A 275 0.88 -5.73 -31.02
C LEU A 275 -0.34 -6.47 -31.56
N GLU A 276 -0.90 -5.93 -32.64
CA GLU A 276 -2.06 -6.52 -33.29
C GLU A 276 -1.60 -6.89 -34.68
N VAL A 277 -1.79 -8.14 -35.06
CA VAL A 277 -1.39 -8.59 -36.38
C VAL A 277 -2.27 -9.73 -36.84
N GLY A 278 -2.93 -9.55 -37.98
CA GLY A 278 -3.78 -10.56 -38.56
C GLY A 278 -4.80 -11.15 -37.63
N GLY A 279 -5.47 -10.29 -36.86
CA GLY A 279 -6.48 -10.75 -35.92
C GLY A 279 -5.93 -11.22 -34.59
N LEU A 280 -4.61 -11.28 -34.50
CA LEU A 280 -3.96 -11.72 -33.27
C LEU A 280 -3.50 -10.52 -32.44
N GLU A 281 -3.47 -10.70 -31.12
CA GLU A 281 -3.01 -9.62 -30.24
C GLU A 281 -2.02 -10.10 -29.19
N PHE A 282 -0.89 -9.42 -29.12
CA PHE A 282 0.19 -9.71 -28.19
C PHE A 282 0.25 -8.55 -27.18
N PRO A 283 -0.42 -8.71 -26.02
CA PRO A 283 -0.47 -7.67 -24.98
C PRO A 283 0.84 -7.45 -24.20
N ALA A 284 1.90 -8.14 -24.62
CA ALA A 284 3.21 -8.00 -23.99
C ALA A 284 4.26 -8.17 -25.08
N CYS A 285 4.86 -7.05 -25.48
CA CYS A 285 5.87 -7.04 -26.54
C CYS A 285 6.73 -5.79 -26.38
N PRO A 286 7.55 -5.76 -25.33
CA PRO A 286 8.41 -4.59 -25.12
C PRO A 286 9.34 -4.36 -26.29
N PHE A 287 9.50 -3.09 -26.66
CA PHE A 287 10.37 -2.76 -27.78
C PHE A 287 11.18 -1.51 -27.48
N ASN A 288 12.23 -1.32 -28.24
CA ASN A 288 13.09 -0.16 -28.06
C ASN A 288 13.79 0.24 -29.34
N GLY A 289 14.13 1.52 -29.38
CA GLY A 289 14.90 2.07 -30.48
C GLY A 289 15.94 2.81 -29.66
N TRP A 290 16.39 3.97 -30.13
CA TRP A 290 17.33 4.77 -29.35
C TRP A 290 16.69 6.12 -29.10
N TYR A 291 17.30 6.88 -28.21
CA TYR A 291 16.80 8.19 -27.83
C TYR A 291 16.98 9.33 -28.82
N MET A 292 16.04 10.27 -28.77
CA MET A 292 16.08 11.48 -29.57
C MET A 292 16.28 12.50 -28.45
N GLY A 293 17.38 13.21 -28.51
CA GLY A 293 17.75 14.19 -27.49
C GLY A 293 16.67 14.93 -26.74
N THR A 294 15.68 15.43 -27.46
CA THR A 294 14.60 16.20 -26.88
C THR A 294 13.73 15.44 -25.87
N GLU A 295 13.64 14.12 -26.03
CA GLU A 295 12.83 13.32 -25.10
C GLU A 295 13.39 13.51 -23.67
N ILE A 296 14.71 13.53 -23.57
CA ILE A 296 15.35 13.69 -22.28
C ILE A 296 15.50 15.15 -21.88
N GLY A 297 16.17 15.90 -22.74
CA GLY A 297 16.41 17.30 -22.45
C GLY A 297 15.19 18.16 -22.26
N VAL A 298 14.18 17.97 -23.10
CA VAL A 298 12.99 18.79 -23.02
C VAL A 298 11.84 18.22 -22.20
N ARG A 299 11.46 16.98 -22.49
CA ARG A 299 10.35 16.40 -21.77
C ARG A 299 10.70 15.85 -20.39
N ASP A 300 11.64 14.91 -20.35
CA ASP A 300 12.03 14.32 -19.07
C ASP A 300 12.59 15.33 -18.08
N PHE A 301 13.48 16.20 -18.54
CA PHE A 301 14.08 17.20 -17.66
C PHE A 301 13.29 18.49 -17.46
N CYS A 302 12.60 18.97 -18.50
CA CYS A 302 11.87 20.25 -18.36
C CYS A 302 10.37 20.29 -18.17
N ASP A 303 9.68 19.17 -18.36
CA ASP A 303 8.23 19.15 -18.15
C ASP A 303 7.96 19.48 -16.69
N THR A 304 6.90 20.24 -16.45
CA THR A 304 6.50 20.59 -15.10
C THR A 304 6.09 19.33 -14.33
N GLN A 305 5.49 18.38 -15.05
CA GLN A 305 5.05 17.12 -14.45
C GLN A 305 6.18 16.08 -14.33
N ARG A 306 7.37 16.44 -14.80
CA ARG A 306 8.52 15.56 -14.71
C ARG A 306 9.59 16.17 -13.80
N TYR A 307 10.86 16.04 -14.18
CA TYR A 307 11.95 16.56 -13.35
C TYR A 307 11.95 18.06 -13.07
N ASN A 308 11.28 18.83 -13.94
CA ASN A 308 11.12 20.28 -13.76
C ASN A 308 12.39 21.04 -13.37
N ILE A 309 13.46 20.84 -14.12
CA ILE A 309 14.74 21.50 -13.82
C ILE A 309 14.98 22.85 -14.52
N LEU A 310 13.97 23.36 -15.24
CA LEU A 310 14.10 24.62 -15.97
C LEU A 310 14.49 25.84 -15.16
N GLU A 311 13.72 26.13 -14.11
CA GLU A 311 13.99 27.28 -13.26
C GLU A 311 15.42 27.34 -12.73
N GLU A 312 15.94 26.23 -12.22
CA GLU A 312 17.30 26.28 -11.69
C GLU A 312 18.42 26.24 -12.73
N VAL A 313 18.16 25.73 -13.92
CA VAL A 313 19.20 25.74 -14.95
C VAL A 313 19.24 27.18 -15.46
N GLY A 314 18.09 27.85 -15.35
CA GLY A 314 17.99 29.23 -15.77
C GLY A 314 18.76 30.09 -14.80
N ARG A 315 18.52 29.87 -13.50
CA ARG A 315 19.18 30.61 -12.43
C ARG A 315 20.70 30.50 -12.52
N ARG A 316 21.19 29.27 -12.63
CA ARG A 316 22.61 29.01 -12.73
C ARG A 316 23.23 29.58 -13.99
N MET A 317 22.38 29.93 -14.96
CA MET A 317 22.84 30.52 -16.22
C MET A 317 22.89 32.05 -16.10
N GLY A 318 22.30 32.56 -15.01
CA GLY A 318 22.27 33.99 -14.75
C GLY A 318 21.19 34.77 -15.49
N LEU A 319 20.27 34.05 -16.12
CA LEU A 319 19.18 34.64 -16.87
C LEU A 319 18.11 35.28 -16.00
N GLU A 320 17.35 36.21 -16.59
CA GLU A 320 16.27 36.91 -15.89
C GLU A 320 15.11 35.93 -15.75
N THR A 321 15.21 35.07 -14.73
CA THR A 321 14.21 34.04 -14.45
C THR A 321 12.82 34.53 -14.04
N HIS A 322 12.71 35.81 -13.73
CA HIS A 322 11.42 36.36 -13.32
C HIS A 322 10.77 37.24 -14.39
N THR A 323 11.36 37.22 -15.59
CA THR A 323 10.85 37.98 -16.72
C THR A 323 10.69 37.05 -17.92
N LEU A 324 9.48 36.56 -18.12
CA LEU A 324 9.15 35.64 -19.21
C LEU A 324 9.62 36.10 -20.59
N ALA A 325 9.42 37.38 -20.86
CA ALA A 325 9.81 37.96 -22.16
C ALA A 325 11.31 37.88 -22.46
N SER A 326 12.14 37.65 -21.43
CA SER A 326 13.58 37.56 -21.65
C SER A 326 13.93 36.31 -22.45
N LEU A 327 12.95 35.41 -22.60
CA LEU A 327 13.12 34.14 -23.31
C LEU A 327 14.21 33.28 -22.67
N TRP A 328 14.31 33.36 -21.35
CA TRP A 328 15.30 32.59 -20.60
C TRP A 328 15.04 31.10 -20.77
N LYS A 329 13.75 30.74 -20.73
CA LYS A 329 13.34 29.36 -20.89
C LYS A 329 13.88 28.79 -22.20
N ASP A 330 13.83 29.60 -23.27
CA ASP A 330 14.32 29.16 -24.57
C ASP A 330 15.81 28.94 -24.48
N ARG A 331 16.49 29.81 -23.72
CA ARG A 331 17.93 29.69 -23.59
C ARG A 331 18.36 28.48 -22.78
N ALA A 332 17.69 28.26 -21.66
CA ALA A 332 17.98 27.12 -20.80
C ALA A 332 17.78 25.78 -21.50
N VAL A 333 16.56 25.55 -21.98
CA VAL A 333 16.22 24.31 -22.65
C VAL A 333 17.20 23.92 -23.73
N THR A 334 17.69 24.90 -24.47
CA THR A 334 18.64 24.61 -25.53
C THR A 334 19.95 24.10 -24.93
N GLU A 335 20.42 24.74 -23.87
CA GLU A 335 21.66 24.33 -23.20
C GLU A 335 21.51 22.94 -22.57
N ILE A 336 20.33 22.65 -22.05
CA ILE A 336 20.06 21.33 -21.47
C ILE A 336 20.09 20.31 -22.64
N ASN A 337 19.56 20.70 -23.80
CA ASN A 337 19.55 19.82 -24.95
C ASN A 337 20.95 19.48 -25.41
N VAL A 338 21.84 20.47 -25.45
CA VAL A 338 23.21 20.19 -25.86
C VAL A 338 23.93 19.37 -24.80
N ALA A 339 23.57 19.57 -23.54
CA ALA A 339 24.17 18.81 -22.45
C ALA A 339 23.87 17.33 -22.74
N VAL A 340 22.59 17.02 -22.94
CA VAL A 340 22.16 15.65 -23.25
C VAL A 340 22.91 15.09 -24.47
N LEU A 341 22.88 15.81 -25.58
CA LEU A 341 23.57 15.34 -26.79
C LEU A 341 25.05 15.14 -26.55
N HIS A 342 25.68 16.14 -25.92
CA HIS A 342 27.10 16.09 -25.61
C HIS A 342 27.44 14.91 -24.71
N SER A 343 26.66 14.73 -23.65
CA SER A 343 26.86 13.65 -22.70
C SER A 343 26.78 12.26 -23.34
N PHE A 344 25.74 12.02 -24.13
CA PHE A 344 25.59 10.73 -24.82
C PHE A 344 26.76 10.52 -25.76
N GLN A 345 27.12 11.58 -26.49
CA GLN A 345 28.23 11.53 -27.44
C GLN A 345 29.56 11.21 -26.78
N LYS A 346 29.81 11.86 -25.65
CA LYS A 346 31.05 11.68 -24.90
C LYS A 346 31.18 10.25 -24.39
N GLN A 347 30.08 9.73 -23.85
CA GLN A 347 30.06 8.39 -23.30
C GLN A 347 29.74 7.30 -24.31
N ASN A 348 29.81 7.66 -25.59
CA ASN A 348 29.55 6.75 -26.70
C ASN A 348 28.21 6.01 -26.69
N VAL A 349 27.17 6.69 -26.22
CA VAL A 349 25.83 6.14 -26.18
C VAL A 349 25.00 6.76 -27.33
N THR A 350 24.50 5.90 -28.21
CA THR A 350 23.69 6.34 -29.34
C THR A 350 22.59 7.31 -28.97
N ILE A 351 22.43 8.33 -29.80
CA ILE A 351 21.39 9.32 -29.63
C ILE A 351 21.29 10.10 -30.93
N MET A 352 20.17 10.76 -31.15
CA MET A 352 20.01 11.55 -32.35
C MET A 352 19.33 12.86 -32.00
N ASP A 353 19.85 13.95 -32.58
CA ASP A 353 19.26 15.27 -32.35
C ASP A 353 17.96 15.31 -33.13
N HIS A 354 17.05 16.17 -32.70
CA HIS A 354 15.75 16.29 -33.35
C HIS A 354 15.78 16.79 -34.80
N HIS A 355 16.83 17.52 -35.18
CA HIS A 355 16.92 18.02 -36.56
C HIS A 355 17.26 16.90 -37.53
N THR A 356 18.37 16.21 -37.30
CA THR A 356 18.76 15.11 -38.19
C THR A 356 17.64 14.06 -38.23
N ALA A 357 16.97 13.85 -37.09
CA ALA A 357 15.89 12.86 -37.02
C ALA A 357 14.73 13.23 -37.91
N SER A 358 14.34 14.51 -37.85
CA SER A 358 13.25 15.04 -38.68
C SER A 358 13.57 14.89 -40.12
N GLU A 359 14.78 15.25 -40.50
CA GLU A 359 15.18 15.16 -41.89
C GLU A 359 15.04 13.72 -42.37
N SER A 360 15.52 12.78 -41.58
CA SER A 360 15.44 11.36 -41.93
C SER A 360 13.98 10.90 -42.01
N PHE A 361 13.15 11.41 -41.11
CA PHE A 361 11.76 11.02 -41.19
C PHE A 361 11.15 11.51 -42.51
N MET A 362 11.50 12.73 -42.90
CA MET A 362 11.03 13.30 -44.16
C MET A 362 11.42 12.38 -45.29
N LYS A 363 12.66 11.89 -45.24
CA LYS A 363 13.17 10.99 -46.26
C LYS A 363 12.34 9.71 -46.21
N HIS A 364 12.00 9.26 -45.01
CA HIS A 364 11.18 8.06 -44.85
C HIS A 364 9.81 8.26 -45.49
N MET A 365 9.20 9.41 -45.23
CA MET A 365 7.88 9.74 -45.79
C MET A 365 7.91 9.63 -47.31
N GLN A 366 8.95 10.21 -47.91
CA GLN A 366 9.13 10.19 -49.35
C GLN A 366 9.26 8.75 -49.85
N ASN A 367 10.07 7.96 -49.16
CA ASN A 367 10.27 6.56 -49.52
C ASN A 367 8.95 5.81 -49.42
N GLU A 368 8.24 6.07 -48.34
CA GLU A 368 6.96 5.43 -48.06
C GLU A 368 5.83 5.77 -49.02
N TYR A 369 5.73 7.04 -49.44
CA TYR A 369 4.70 7.46 -50.38
C TYR A 369 4.95 6.83 -51.75
N ARG A 370 6.22 6.79 -52.13
CA ARG A 370 6.61 6.22 -53.41
C ARG A 370 6.37 4.72 -53.37
N ALA A 371 6.84 4.07 -52.31
CA ALA A 371 6.70 2.61 -52.13
C ALA A 371 5.27 2.09 -51.93
N ARG A 372 4.49 2.71 -51.05
CA ARG A 372 3.13 2.24 -50.81
C ARG A 372 2.00 3.26 -50.81
N GLY A 373 2.28 4.45 -51.34
CA GLY A 373 1.27 5.48 -51.45
C GLY A 373 0.76 6.11 -50.16
N GLY A 374 1.63 6.26 -49.17
CA GLY A 374 1.20 6.88 -47.92
C GLY A 374 2.11 6.59 -46.75
N CYS A 375 1.81 7.23 -45.63
CA CYS A 375 2.55 7.07 -44.40
C CYS A 375 1.69 7.64 -43.28
N PRO A 376 1.12 6.77 -42.42
CA PRO A 376 0.30 7.30 -41.33
C PRO A 376 1.19 8.15 -40.43
N ALA A 377 0.80 9.39 -40.19
CA ALA A 377 1.63 10.26 -39.39
C ALA A 377 0.82 11.14 -38.47
N ASP A 378 1.29 11.27 -37.24
CA ASP A 378 0.63 12.10 -36.24
C ASP A 378 1.51 13.32 -36.02
N TRP A 379 1.22 14.37 -36.77
CA TRP A 379 1.93 15.64 -36.74
C TRP A 379 2.21 16.10 -35.31
N ILE A 380 1.21 16.00 -34.44
CA ILE A 380 1.31 16.43 -33.05
C ILE A 380 2.41 15.70 -32.26
N TRP A 381 2.72 14.49 -32.68
CA TRP A 381 3.75 13.72 -31.98
C TRP A 381 5.07 13.80 -32.72
N LEU A 382 5.00 13.91 -34.04
CA LEU A 382 6.20 13.94 -34.87
C LEU A 382 7.00 15.21 -34.82
N VAL A 383 6.34 16.31 -34.46
CA VAL A 383 7.03 17.57 -34.39
C VAL A 383 7.64 17.70 -33.02
N PRO A 384 8.98 17.85 -32.95
CA PRO A 384 9.72 17.99 -31.70
C PRO A 384 9.13 19.04 -30.75
N PRO A 385 9.29 18.82 -29.43
CA PRO A 385 8.81 19.70 -28.37
C PRO A 385 9.50 21.07 -28.32
N VAL A 386 10.48 21.28 -29.18
CA VAL A 386 11.16 22.58 -29.31
C VAL A 386 11.57 22.76 -30.77
N SER A 387 11.78 24.00 -31.18
CA SER A 387 12.22 24.29 -32.54
C SER A 387 11.27 23.78 -33.64
N GLY A 388 9.97 23.81 -33.34
CA GLY A 388 8.95 23.33 -34.27
C GLY A 388 9.14 23.65 -35.75
N SER A 389 8.87 24.89 -36.13
CA SER A 389 9.00 25.26 -37.53
C SER A 389 10.42 25.27 -38.09
N ILE A 390 11.41 25.12 -37.21
CA ILE A 390 12.79 25.07 -37.67
C ILE A 390 13.03 23.70 -38.27
N THR A 391 12.09 22.82 -38.00
CA THR A 391 12.12 21.45 -38.46
C THR A 391 11.30 21.28 -39.74
N PRO A 392 11.70 20.34 -40.62
CA PRO A 392 10.99 20.10 -41.87
C PRO A 392 9.57 19.52 -41.65
N VAL A 393 9.43 18.62 -40.67
CA VAL A 393 8.13 17.97 -40.43
C VAL A 393 6.99 18.91 -40.08
N PHE A 394 7.31 20.06 -39.50
CA PHE A 394 6.33 21.05 -39.14
C PHE A 394 5.54 21.57 -40.35
N HIS A 395 6.22 21.69 -41.48
CA HIS A 395 5.64 22.21 -42.73
C HIS A 395 5.01 21.15 -43.61
N GLN A 396 5.10 19.89 -43.20
CA GLN A 396 4.56 18.79 -43.97
C GLN A 396 3.16 18.39 -43.48
N GLU A 397 2.17 18.51 -44.36
CA GLU A 397 0.81 18.12 -43.99
C GLU A 397 0.82 16.61 -43.92
N MET A 398 0.06 16.04 -43.00
CA MET A 398 0.01 14.59 -42.88
C MET A 398 -1.33 14.01 -42.50
N LEU A 399 -1.51 12.76 -42.88
CA LEU A 399 -2.73 12.02 -42.59
C LEU A 399 -2.44 11.00 -41.51
N ASN A 400 -3.28 11.00 -40.49
CA ASN A 400 -3.14 10.09 -39.38
C ASN A 400 -4.23 9.03 -39.46
N TYR A 401 -3.84 7.77 -39.60
CA TYR A 401 -4.81 6.67 -39.67
C TYR A 401 -4.22 5.37 -39.11
N VAL A 402 -5.09 4.50 -38.59
CA VAL A 402 -4.70 3.21 -38.00
C VAL A 402 -4.72 2.06 -39.00
N LEU A 403 -3.55 1.50 -39.31
CA LEU A 403 -3.46 0.40 -40.25
C LEU A 403 -3.34 -0.90 -39.46
N SER A 404 -2.89 -1.96 -40.12
CA SER A 404 -2.69 -3.25 -39.48
C SER A 404 -1.60 -3.99 -40.21
N PRO A 405 -0.64 -4.59 -39.47
CA PRO A 405 -0.52 -4.62 -38.01
C PRO A 405 -0.31 -3.24 -37.35
N PHE A 406 -0.44 -3.18 -36.02
CA PHE A 406 -0.34 -1.92 -35.32
C PHE A 406 -0.02 -2.08 -33.82
N TYR A 407 0.62 -1.08 -33.24
CA TYR A 407 0.94 -1.07 -31.83
C TYR A 407 -0.10 -0.21 -31.14
N TYR A 408 -0.94 -0.86 -30.33
CA TYR A 408 -1.99 -0.14 -29.62
C TYR A 408 -1.61 0.08 -28.18
N TYR A 409 -2.32 1.00 -27.54
CA TYR A 409 -2.14 1.26 -26.12
C TYR A 409 -3.09 0.26 -25.47
N GLN A 410 -2.94 0.05 -24.18
CA GLN A 410 -3.87 -0.83 -23.46
C GLN A 410 -4.18 -0.22 -22.12
N ILE A 411 -5.29 -0.65 -21.51
CA ILE A 411 -5.70 -0.13 -20.23
C ILE A 411 -4.69 -0.56 -19.16
N GLU A 412 -4.38 0.35 -18.24
CA GLU A 412 -3.43 0.06 -17.17
C GLU A 412 -3.93 -1.17 -16.43
N PRO A 413 -3.12 -2.25 -16.44
CA PRO A 413 -3.41 -3.53 -15.81
C PRO A 413 -3.92 -3.53 -14.37
N TRP A 414 -3.40 -2.65 -13.52
CA TRP A 414 -3.87 -2.60 -12.13
C TRP A 414 -5.31 -2.14 -11.99
N LYS A 415 -5.88 -1.58 -13.05
CA LYS A 415 -7.25 -1.11 -13.03
C LYS A 415 -8.21 -2.25 -13.39
N THR A 416 -7.72 -3.23 -14.15
CA THR A 416 -8.53 -4.36 -14.59
C THR A 416 -7.84 -5.70 -14.28
N HIS A 417 -7.69 -6.03 -13.00
CA HIS A 417 -7.03 -7.28 -12.65
C HIS A 417 -7.62 -8.07 -11.48
N ILE A 418 -7.48 -9.39 -11.58
CA ILE A 418 -7.94 -10.35 -10.57
C ILE A 418 -6.88 -10.46 -9.48
N TRP A 419 -7.31 -10.50 -8.22
CA TRP A 419 -6.34 -10.63 -7.14
C TRP A 419 -6.59 -11.87 -6.27
N GLN A 420 -5.95 -12.96 -6.66
CA GLN A 420 -6.07 -14.24 -5.96
C GLN A 420 -4.93 -14.43 -4.96
N GLN B 1 -12.60 -28.99 46.06
CA GLN B 1 -12.42 -28.27 47.33
C GLN B 1 -12.02 -26.80 47.08
N TYR B 2 -10.73 -26.51 47.19
CA TYR B 2 -10.20 -25.17 46.98
C TYR B 2 -8.68 -25.23 46.81
N VAL B 3 -8.09 -24.10 46.43
CA VAL B 3 -6.65 -24.04 46.26
C VAL B 3 -6.09 -23.07 47.29
N ARG B 4 -5.04 -23.53 47.97
CA ARG B 4 -4.38 -22.76 48.99
C ARG B 4 -3.41 -21.82 48.29
N ILE B 5 -3.37 -20.57 48.73
CA ILE B 5 -2.50 -19.56 48.15
C ILE B 5 -1.80 -18.81 49.26
N LYS B 6 -0.52 -18.53 49.09
CA LYS B 6 0.21 -17.83 50.14
C LYS B 6 0.93 -16.57 49.68
N ASN B 7 1.00 -15.60 50.57
CA ASN B 7 1.70 -14.37 50.31
C ASN B 7 2.94 -14.47 51.17
N TRP B 8 4.10 -14.55 50.54
CA TRP B 8 5.35 -14.69 51.25
C TRP B 8 5.87 -13.47 51.97
N GLY B 9 5.09 -12.39 51.93
CA GLY B 9 5.50 -11.17 52.61
C GLY B 9 4.72 -10.96 53.89
N SER B 10 3.47 -11.42 53.90
CA SER B 10 2.58 -11.30 55.04
C SER B 10 2.39 -12.65 55.74
N GLY B 11 2.64 -13.72 55.01
CA GLY B 11 2.44 -15.06 55.55
C GLY B 11 0.96 -15.41 55.46
N GLU B 12 0.15 -14.41 55.13
CA GLU B 12 -1.29 -14.56 55.01
C GLU B 12 -1.67 -15.63 54.00
N ILE B 13 -2.81 -16.27 54.25
CA ILE B 13 -3.29 -17.34 53.39
C ILE B 13 -4.71 -17.14 52.93
N LEU B 14 -4.96 -17.53 51.68
CA LEU B 14 -6.27 -17.42 51.07
C LEU B 14 -6.63 -18.78 50.48
N HIS B 15 -7.91 -19.04 50.35
CA HIS B 15 -8.39 -20.28 49.77
C HIS B 15 -9.22 -19.91 48.56
N ASP B 16 -8.72 -20.20 47.36
CA ASP B 16 -9.44 -19.86 46.14
C ASP B 16 -10.54 -20.87 45.84
N THR B 17 -11.78 -20.39 45.87
CA THR B 17 -12.95 -21.22 45.58
C THR B 17 -13.41 -20.93 44.17
N LEU B 18 -13.32 -19.65 43.80
CA LEU B 18 -13.76 -19.13 42.51
C LEU B 18 -13.28 -19.83 41.24
N HIS B 19 -12.06 -20.36 41.24
CA HIS B 19 -11.54 -21.03 40.06
C HIS B 19 -12.45 -22.13 39.52
N HIS B 20 -13.35 -22.63 40.36
CA HIS B 20 -14.27 -23.68 39.92
C HIS B 20 -15.27 -23.18 38.88
N LYS B 21 -15.50 -21.87 38.86
CA LYS B 21 -16.43 -21.26 37.90
C LYS B 21 -15.76 -21.06 36.55
N ALA B 22 -14.51 -21.51 36.43
CA ALA B 22 -13.73 -21.39 35.19
C ALA B 22 -14.35 -21.94 33.92
N THR B 23 -13.97 -21.30 32.81
CA THR B 23 -14.44 -21.61 31.45
C THR B 23 -13.75 -22.83 30.83
N SER B 24 -14.33 -23.29 29.71
CA SER B 24 -13.87 -24.43 28.90
C SER B 24 -12.47 -24.96 29.17
N ASP B 25 -11.46 -24.21 28.76
CA ASP B 25 -10.06 -24.59 28.94
C ASP B 25 -9.13 -23.38 28.91
N PHE B 26 -8.11 -23.38 29.76
CA PHE B 26 -7.15 -22.29 29.81
C PHE B 26 -5.98 -22.56 28.86
N THR B 27 -4.99 -21.67 28.87
CA THR B 27 -3.82 -21.77 28.00
C THR B 27 -2.83 -22.90 28.33
N CYS B 28 -2.74 -23.26 29.60
CA CYS B 28 -1.82 -24.31 30.04
C CYS B 28 -2.28 -25.74 29.84
N LYS B 29 -1.31 -26.61 29.60
CA LYS B 29 -1.57 -28.03 29.44
C LYS B 29 -1.09 -28.75 30.72
N SER B 30 -1.45 -30.02 30.86
CA SER B 30 -1.08 -30.82 32.04
C SER B 30 0.43 -30.98 32.28
N LYS B 31 1.20 -31.17 31.21
CA LYS B 31 2.65 -31.37 31.33
C LYS B 31 3.51 -30.13 31.03
N SER B 32 2.89 -28.99 30.75
CA SER B 32 3.63 -27.76 30.44
C SER B 32 2.88 -26.49 30.84
N CYS B 33 3.63 -25.43 31.09
CA CYS B 33 3.04 -24.15 31.46
C CYS B 33 3.27 -23.14 30.34
N LEU B 34 2.16 -22.70 29.75
CA LEU B 34 2.17 -21.73 28.68
C LEU B 34 1.83 -20.34 29.23
N GLY B 35 1.92 -20.21 30.56
CA GLY B 35 1.60 -18.94 31.22
C GLY B 35 2.37 -17.73 30.71
N SER B 36 3.53 -17.98 30.13
CA SER B 36 4.38 -16.92 29.60
C SER B 36 3.95 -16.41 28.21
N ILE B 37 3.06 -17.13 27.55
CA ILE B 37 2.60 -16.75 26.22
C ILE B 37 1.73 -15.49 26.26
N MET B 38 2.09 -14.51 25.44
CA MET B 38 1.38 -13.24 25.41
C MET B 38 -0.01 -13.31 24.75
N ASN B 39 -0.11 -13.97 23.59
CA ASN B 39 -1.40 -14.09 22.90
C ASN B 39 -1.87 -15.53 22.67
N PRO B 40 -2.11 -16.28 23.76
CA PRO B 40 -2.58 -17.67 23.60
C PRO B 40 -3.98 -17.74 23.02
N LYS B 41 -4.32 -18.86 22.41
CA LYS B 41 -5.63 -19.07 21.82
C LYS B 41 -6.76 -19.01 22.87
N SER B 42 -6.44 -19.44 24.08
CA SER B 42 -7.42 -19.45 25.17
C SER B 42 -7.80 -18.04 25.60
N LEU B 43 -6.98 -17.07 25.26
CA LEU B 43 -7.25 -15.69 25.64
C LEU B 43 -7.82 -14.92 24.45
N THR B 44 -7.96 -15.63 23.33
CA THR B 44 -8.46 -15.07 22.09
C THR B 44 -9.82 -15.63 21.68
N ARG B 45 -10.66 -14.75 21.11
CA ARG B 45 -11.98 -15.12 20.64
C ARG B 45 -12.01 -14.66 19.19
N GLY B 46 -11.74 -15.60 18.29
CA GLY B 46 -11.69 -15.34 16.86
C GLY B 46 -12.99 -15.10 16.09
N PRO B 47 -12.88 -14.99 14.76
CA PRO B 47 -13.99 -14.76 13.81
C PRO B 47 -14.99 -15.91 13.67
N ARG B 48 -16.13 -15.61 13.05
CA ARG B 48 -17.21 -16.57 12.80
C ARG B 48 -17.82 -16.42 11.40
N ASP B 49 -18.59 -17.43 10.99
CA ASP B 49 -19.28 -17.49 9.70
C ASP B 49 -20.76 -17.74 9.97
N LYS B 50 -21.02 -18.46 11.05
CA LYS B 50 -22.36 -18.82 11.46
C LYS B 50 -22.62 -18.26 12.86
N PRO B 51 -23.90 -17.99 13.18
CA PRO B 51 -24.24 -17.47 14.51
C PRO B 51 -23.97 -18.55 15.55
N THR B 52 -23.67 -18.12 16.78
CA THR B 52 -23.40 -19.06 17.85
C THR B 52 -24.51 -20.10 17.98
N PRO B 53 -24.18 -21.39 17.84
CA PRO B 53 -25.17 -22.45 17.95
C PRO B 53 -25.88 -22.47 19.30
N LEU B 54 -27.19 -22.68 19.22
CA LEU B 54 -28.08 -22.73 20.37
C LEU B 54 -27.59 -23.53 21.58
N GLU B 55 -27.14 -24.76 21.34
CA GLU B 55 -26.68 -25.64 22.42
C GLU B 55 -25.62 -25.07 23.36
N GLU B 56 -24.77 -24.18 22.85
CA GLU B 56 -23.75 -23.59 23.70
C GLU B 56 -24.14 -22.17 24.16
N LEU B 57 -24.99 -21.50 23.38
CA LEU B 57 -25.46 -20.16 23.69
C LEU B 57 -26.42 -20.13 24.89
N LEU B 58 -27.42 -21.00 24.85
CA LEU B 58 -28.42 -21.08 25.91
C LEU B 58 -27.87 -21.29 27.32
N PRO B 59 -26.95 -22.26 27.50
CA PRO B 59 -26.39 -22.48 28.85
C PRO B 59 -25.59 -21.28 29.35
N HIS B 60 -24.91 -20.59 28.43
CA HIS B 60 -24.11 -19.40 28.75
C HIS B 60 -25.01 -18.25 29.23
N ALA B 61 -26.08 -18.00 28.49
CA ALA B 61 -27.04 -16.95 28.81
C ALA B 61 -27.71 -17.18 30.17
N ILE B 62 -28.09 -18.42 30.44
CA ILE B 62 -28.73 -18.74 31.71
C ILE B 62 -27.74 -18.48 32.83
N GLU B 63 -26.50 -18.92 32.63
CA GLU B 63 -25.45 -18.70 33.62
C GLU B 63 -25.32 -17.18 33.92
N PHE B 64 -25.24 -16.37 32.86
CA PHE B 64 -25.12 -14.93 33.03
C PHE B 64 -26.30 -14.30 33.78
N ILE B 65 -27.51 -14.66 33.38
CA ILE B 65 -28.70 -14.14 34.03
C ILE B 65 -28.70 -14.45 35.52
N ASN B 66 -28.39 -15.70 35.86
CA ASN B 66 -28.34 -16.11 37.27
C ASN B 66 -27.29 -15.32 38.04
N GLN B 67 -26.15 -15.05 37.39
CA GLN B 67 -25.06 -14.29 38.00
C GLN B 67 -25.56 -12.87 38.25
N TYR B 68 -26.20 -12.29 37.23
CA TYR B 68 -26.77 -10.96 37.32
C TYR B 68 -27.74 -10.89 38.49
N TYR B 69 -28.79 -11.70 38.45
CA TYR B 69 -29.79 -11.71 39.51
C TYR B 69 -29.25 -12.07 40.90
N GLY B 70 -28.17 -12.85 40.95
CA GLY B 70 -27.62 -13.22 42.23
C GLY B 70 -26.74 -12.14 42.83
N SER B 71 -26.56 -11.05 42.10
CA SER B 71 -25.70 -9.95 42.56
C SER B 71 -26.28 -8.97 43.57
N PHE B 72 -27.47 -8.42 43.31
CA PHE B 72 -28.02 -7.47 44.27
C PHE B 72 -28.38 -8.04 45.62
N LYS B 73 -28.24 -7.18 46.63
CA LYS B 73 -28.53 -7.50 48.03
C LYS B 73 -29.81 -8.30 48.21
N GLU B 74 -30.93 -7.73 47.79
CA GLU B 74 -32.20 -8.43 47.91
C GLU B 74 -32.68 -8.97 46.58
N ALA B 75 -32.80 -10.31 46.51
CA ALA B 75 -33.19 -11.00 45.31
C ALA B 75 -34.60 -10.75 44.79
N LYS B 76 -34.66 -10.40 43.50
CA LYS B 76 -35.93 -10.17 42.82
C LYS B 76 -36.25 -11.54 42.21
N ILE B 77 -36.64 -12.48 43.06
CA ILE B 77 -36.95 -13.86 42.67
C ILE B 77 -37.88 -14.03 41.47
N GLU B 78 -39.00 -13.31 41.47
CA GLU B 78 -39.95 -13.40 40.37
C GLU B 78 -39.38 -12.89 39.04
N GLU B 79 -38.70 -11.75 39.09
CA GLU B 79 -38.10 -11.15 37.90
C GLU B 79 -36.97 -12.02 37.36
N HIS B 80 -36.27 -12.69 38.27
CA HIS B 80 -35.18 -13.58 37.91
C HIS B 80 -35.75 -14.70 37.05
N LEU B 81 -36.81 -15.34 37.55
CA LEU B 81 -37.48 -16.43 36.83
C LEU B 81 -38.06 -15.91 35.52
N ALA B 82 -38.68 -14.73 35.57
CA ALA B 82 -39.28 -14.12 34.39
C ALA B 82 -38.23 -13.88 33.31
N ARG B 83 -37.09 -13.32 33.70
CA ARG B 83 -35.99 -13.04 32.77
C ARG B 83 -35.41 -14.36 32.22
N LEU B 84 -35.21 -15.34 33.10
CA LEU B 84 -34.69 -16.65 32.68
C LEU B 84 -35.58 -17.24 31.60
N GLU B 85 -36.89 -17.21 31.84
CA GLU B 85 -37.87 -17.72 30.90
C GLU B 85 -37.88 -16.91 29.60
N ALA B 86 -37.89 -15.59 29.72
CA ALA B 86 -37.91 -14.70 28.56
C ALA B 86 -36.68 -14.88 27.66
N VAL B 87 -35.50 -14.86 28.28
CA VAL B 87 -34.27 -15.02 27.52
C VAL B 87 -34.20 -16.40 26.82
N THR B 88 -34.61 -17.44 27.53
CA THR B 88 -34.60 -18.79 26.99
C THR B 88 -35.48 -18.85 25.74
N LYS B 89 -36.66 -18.25 25.84
CA LYS B 89 -37.60 -18.23 24.73
C LYS B 89 -37.09 -17.42 23.55
N GLU B 90 -36.51 -16.25 23.84
CA GLU B 90 -35.97 -15.38 22.81
C GLU B 90 -34.88 -16.11 22.02
N ILE B 91 -33.97 -16.75 22.75
CA ILE B 91 -32.88 -17.52 22.15
C ILE B 91 -33.40 -18.65 21.26
N GLU B 92 -34.40 -19.39 21.76
CA GLU B 92 -35.00 -20.49 21.00
C GLU B 92 -35.82 -20.00 19.80
N THR B 93 -36.42 -18.83 19.90
CA THR B 93 -37.23 -18.29 18.81
C THR B 93 -36.49 -17.47 17.76
N THR B 94 -35.45 -16.76 18.16
CA THR B 94 -34.68 -15.94 17.22
C THR B 94 -33.18 -16.23 17.12
N GLY B 95 -32.72 -17.25 17.84
CA GLY B 95 -31.30 -17.58 17.80
C GLY B 95 -30.55 -16.86 18.90
N THR B 96 -30.26 -15.59 18.69
CA THR B 96 -29.55 -14.79 19.69
C THR B 96 -30.55 -14.10 20.64
N TYR B 97 -30.05 -13.14 21.42
CA TYR B 97 -30.88 -12.36 22.34
C TYR B 97 -30.17 -11.04 22.67
N GLN B 98 -30.92 -10.10 23.24
CA GLN B 98 -30.36 -8.80 23.58
C GLN B 98 -30.32 -8.64 25.09
N LEU B 99 -29.29 -7.95 25.58
CA LEU B 99 -29.17 -7.68 27.01
C LEU B 99 -29.93 -6.41 27.36
N THR B 100 -30.38 -6.32 28.61
CA THR B 100 -31.05 -5.10 29.03
C THR B 100 -29.87 -4.18 29.32
N LEU B 101 -30.10 -2.87 29.23
CA LEU B 101 -29.04 -1.89 29.48
C LEU B 101 -28.41 -2.15 30.85
N ASP B 102 -29.25 -2.49 31.82
CA ASP B 102 -28.79 -2.78 33.17
C ASP B 102 -27.89 -4.04 33.24
N GLU B 103 -28.17 -5.02 32.40
CA GLU B 103 -27.38 -6.25 32.36
C GLU B 103 -26.00 -5.99 31.78
N LEU B 104 -25.95 -5.16 30.73
CA LEU B 104 -24.71 -4.81 30.04
C LEU B 104 -23.76 -4.05 30.97
N ILE B 105 -24.30 -3.13 31.77
CA ILE B 105 -23.49 -2.35 32.73
C ILE B 105 -22.78 -3.34 33.67
N PHE B 106 -23.58 -4.25 34.22
CA PHE B 106 -23.10 -5.26 35.13
C PHE B 106 -22.06 -6.13 34.41
N ALA B 107 -22.36 -6.46 33.15
CA ALA B 107 -21.48 -7.30 32.34
C ALA B 107 -20.11 -6.66 32.06
N THR B 108 -20.10 -5.39 31.62
CA THR B 108 -18.85 -4.71 31.33
C THR B 108 -17.98 -4.59 32.58
N LYS B 109 -18.62 -4.32 33.72
CA LYS B 109 -17.91 -4.20 35.00
C LYS B 109 -17.37 -5.54 35.48
N MET B 110 -18.16 -6.59 35.26
CA MET B 110 -17.76 -7.92 35.68
C MET B 110 -16.60 -8.41 34.83
N ALA B 111 -16.65 -8.12 33.52
CA ALA B 111 -15.58 -8.50 32.59
C ALA B 111 -14.28 -7.82 33.01
N TRP B 112 -14.40 -6.61 33.54
CA TRP B 112 -13.25 -5.84 34.02
C TRP B 112 -12.76 -6.55 35.28
N ARG B 113 -13.70 -6.86 36.17
CA ARG B 113 -13.43 -7.55 37.41
C ARG B 113 -12.74 -8.89 37.15
N ASN B 114 -13.05 -9.50 36.01
CA ASN B 114 -12.49 -10.78 35.59
C ASN B 114 -11.23 -10.68 34.70
N ALA B 115 -10.70 -9.48 34.48
CA ALA B 115 -9.50 -9.33 33.63
C ALA B 115 -8.27 -9.62 34.47
N PRO B 116 -7.70 -10.82 34.32
CA PRO B 116 -6.52 -11.20 35.10
C PRO B 116 -5.27 -10.39 34.83
N ARG B 117 -5.27 -9.65 33.74
CA ARG B 117 -4.10 -8.86 33.40
C ARG B 117 -4.19 -7.38 33.81
N CYS B 118 -5.29 -7.00 34.45
CA CYS B 118 -5.48 -5.62 34.88
C CYS B 118 -5.16 -5.43 36.35
N ILE B 119 -4.26 -4.50 36.64
CA ILE B 119 -3.87 -4.21 38.02
C ILE B 119 -4.76 -3.17 38.67
N GLY B 120 -5.57 -2.51 37.85
CA GLY B 120 -6.44 -1.45 38.36
C GLY B 120 -7.83 -1.88 38.76
N ARG B 121 -8.04 -3.18 38.93
CA ARG B 121 -9.36 -3.71 39.25
C ARG B 121 -10.10 -3.27 40.52
N ILE B 122 -9.45 -2.51 41.40
CA ILE B 122 -10.16 -2.06 42.59
C ILE B 122 -11.20 -1.01 42.16
N GLN B 123 -11.01 -0.47 40.96
CA GLN B 123 -11.90 0.52 40.37
C GLN B 123 -13.05 -0.08 39.58
N TRP B 124 -13.13 -1.41 39.55
CA TRP B 124 -14.15 -2.13 38.77
C TRP B 124 -15.61 -1.67 38.84
N SER B 125 -16.04 -1.14 39.97
CA SER B 125 -17.43 -0.68 40.07
C SER B 125 -17.63 0.75 39.56
N ASN B 126 -16.54 1.43 39.24
CA ASN B 126 -16.58 2.80 38.72
C ASN B 126 -16.34 2.81 37.22
N LEU B 127 -17.37 2.53 36.45
CA LEU B 127 -17.23 2.49 35.00
C LEU B 127 -18.43 3.08 34.27
N GLN B 128 -18.16 4.06 33.41
CA GLN B 128 -19.21 4.69 32.64
C GLN B 128 -19.41 3.84 31.40
N VAL B 129 -20.66 3.51 31.12
CA VAL B 129 -20.98 2.69 29.96
C VAL B 129 -21.70 3.46 28.87
N PHE B 130 -21.18 3.38 27.66
CA PHE B 130 -21.80 4.05 26.53
C PHE B 130 -22.39 2.99 25.62
N ASP B 131 -23.72 2.98 25.61
CA ASP B 131 -24.50 2.02 24.82
C ASP B 131 -24.65 2.47 23.36
N ALA B 132 -23.78 1.97 22.51
CA ALA B 132 -23.84 2.29 21.09
C ALA B 132 -24.29 1.06 20.30
N ARG B 133 -25.13 0.23 20.94
CA ARG B 133 -25.61 -0.98 20.28
C ARG B 133 -26.51 -0.69 19.07
N ASN B 134 -27.12 0.48 19.04
CA ASN B 134 -27.99 0.87 17.93
C ASN B 134 -27.21 1.57 16.81
N CYS B 135 -25.90 1.66 16.97
CA CYS B 135 -25.04 2.29 15.98
C CYS B 135 -25.05 1.42 14.72
N SER B 136 -24.99 2.05 13.54
CA SER B 136 -25.00 1.28 12.30
C SER B 136 -23.98 1.69 11.23
N THR B 137 -23.33 2.82 11.41
CA THR B 137 -22.36 3.25 10.41
C THR B 137 -21.01 3.62 11.01
N ALA B 138 -19.98 3.62 10.17
CA ALA B 138 -18.63 3.98 10.60
C ALA B 138 -18.58 5.43 11.06
N GLN B 139 -19.44 6.26 10.46
CA GLN B 139 -19.54 7.68 10.79
C GLN B 139 -20.15 7.82 12.20
N GLU B 140 -21.08 6.93 12.50
CA GLU B 140 -21.72 6.92 13.82
C GLU B 140 -20.73 6.39 14.86
N MET B 141 -19.89 5.43 14.45
CA MET B 141 -18.87 4.86 15.34
C MET B 141 -17.88 5.94 15.72
N PHE B 142 -17.41 6.68 14.71
CA PHE B 142 -16.47 7.77 14.87
C PHE B 142 -17.01 8.80 15.85
N GLN B 143 -18.32 9.06 15.76
CA GLN B 143 -18.96 10.03 16.65
C GLN B 143 -19.05 9.48 18.06
N HIS B 144 -19.28 8.19 18.20
CA HIS B 144 -19.36 7.59 19.53
C HIS B 144 -17.98 7.57 20.15
N ILE B 145 -16.99 7.21 19.36
CA ILE B 145 -15.61 7.18 19.81
C ILE B 145 -15.13 8.57 20.24
N CYS B 146 -15.61 9.61 19.57
CA CYS B 146 -15.24 10.98 19.92
C CYS B 146 -15.88 11.36 21.27
N ARG B 147 -17.13 10.94 21.47
CA ARG B 147 -17.83 11.20 22.71
C ARG B 147 -17.08 10.54 23.87
N HIS B 148 -16.67 9.29 23.64
CA HIS B 148 -15.95 8.52 24.63
C HIS B 148 -14.67 9.24 25.04
N ILE B 149 -13.80 9.48 24.06
CA ILE B 149 -12.54 10.15 24.30
C ILE B 149 -12.73 11.43 25.12
N LEU B 150 -13.69 12.25 24.67
CA LEU B 150 -13.98 13.50 25.33
C LEU B 150 -14.40 13.28 26.77
N TYR B 151 -15.37 12.37 26.97
CA TYR B 151 -15.86 12.07 28.32
C TYR B 151 -14.76 11.56 29.24
N ALA B 152 -14.06 10.53 28.75
CA ALA B 152 -12.99 9.85 29.45
C ALA B 152 -11.81 10.74 29.80
N THR B 153 -11.42 11.62 28.87
CA THR B 153 -10.29 12.54 29.05
C THR B 153 -10.62 13.56 30.14
N ASN B 154 -11.81 14.12 30.05
CA ASN B 154 -12.32 15.09 31.02
C ASN B 154 -11.29 16.16 31.44
N ASN B 155 -10.51 16.64 30.48
CA ASN B 155 -9.52 17.69 30.74
C ASN B 155 -8.47 17.25 31.76
N GLY B 156 -7.95 16.02 31.61
CA GLY B 156 -6.94 15.53 32.53
C GLY B 156 -7.43 14.71 33.72
N ASN B 157 -8.66 14.94 34.16
CA ASN B 157 -9.23 14.18 35.26
C ASN B 157 -9.85 12.90 34.66
N ILE B 158 -8.99 12.00 34.21
CA ILE B 158 -9.43 10.75 33.56
C ILE B 158 -10.57 10.00 34.25
N ARG B 159 -11.54 9.59 33.44
CA ARG B 159 -12.72 8.84 33.89
C ARG B 159 -12.80 7.52 33.12
N SER B 160 -13.06 6.44 33.84
CA SER B 160 -13.16 5.12 33.24
C SER B 160 -14.43 5.00 32.45
N ALA B 161 -14.32 4.50 31.24
CA ALA B 161 -15.49 4.36 30.39
C ALA B 161 -15.32 3.29 29.32
N ILE B 162 -16.45 2.84 28.80
CA ILE B 162 -16.45 1.83 27.76
C ILE B 162 -17.59 2.13 26.80
N THR B 163 -17.35 1.90 25.51
CA THR B 163 -18.39 2.12 24.51
C THR B 163 -18.65 0.77 23.87
N VAL B 164 -19.88 0.32 23.98
CA VAL B 164 -20.29 -0.98 23.45
C VAL B 164 -21.02 -0.82 22.12
N PHE B 165 -20.45 -1.38 21.06
CA PHE B 165 -21.06 -1.34 19.74
C PHE B 165 -21.90 -2.61 19.53
N PRO B 166 -22.69 -2.68 18.44
CA PRO B 166 -23.53 -3.85 18.15
C PRO B 166 -22.85 -5.20 18.29
N GLN B 167 -23.49 -6.09 19.06
CA GLN B 167 -23.00 -7.43 19.29
C GLN B 167 -22.90 -8.21 17.99
N ARG B 168 -21.95 -9.14 17.93
CA ARG B 168 -21.78 -9.96 16.74
C ARG B 168 -23.07 -10.75 16.48
N SER B 169 -23.49 -10.76 15.22
CA SER B 169 -24.69 -11.49 14.82
C SER B 169 -24.29 -12.80 14.15
N ASP B 170 -24.06 -12.76 12.84
CA ASP B 170 -23.70 -13.92 12.06
C ASP B 170 -22.19 -14.10 11.87
N GLY B 171 -21.43 -13.03 12.11
CA GLY B 171 -19.99 -13.11 11.95
C GLY B 171 -19.51 -12.32 10.75
N LYS B 172 -20.38 -12.16 9.76
CA LYS B 172 -20.04 -11.41 8.56
C LYS B 172 -20.41 -9.93 8.66
N HIS B 173 -20.99 -9.52 9.78
CA HIS B 173 -21.39 -8.12 9.99
C HIS B 173 -20.80 -7.50 11.27
N ASP B 174 -19.56 -7.88 11.59
CA ASP B 174 -18.87 -7.39 12.79
C ASP B 174 -18.51 -5.90 12.77
N PHE B 175 -18.61 -5.28 13.93
CA PHE B 175 -18.19 -3.90 14.08
C PHE B 175 -16.80 -4.09 14.66
N ARG B 176 -15.80 -3.42 14.10
CA ARG B 176 -14.44 -3.55 14.59
C ARG B 176 -13.62 -2.28 14.46
N LEU B 177 -12.78 -2.05 15.46
CA LEU B 177 -11.86 -0.93 15.43
C LEU B 177 -10.57 -1.63 15.07
N TRP B 178 -9.93 -1.21 13.98
CA TRP B 178 -8.69 -1.85 13.57
C TRP B 178 -7.49 -1.38 14.39
N ASN B 179 -7.68 -0.29 15.12
CA ASN B 179 -6.63 0.26 15.97
C ASN B 179 -6.39 -0.60 17.23
N SER B 180 -5.15 -0.56 17.72
CA SER B 180 -4.77 -1.28 18.94
C SER B 180 -5.47 -0.57 20.08
N GLN B 181 -5.34 0.75 20.08
CA GLN B 181 -5.98 1.60 21.07
C GLN B 181 -6.48 2.88 20.40
N LEU B 182 -7.44 3.54 21.03
CA LEU B 182 -8.03 4.76 20.49
C LEU B 182 -7.01 5.78 20.03
N ILE B 183 -6.12 6.14 20.93
CA ILE B 183 -5.07 7.11 20.65
C ILE B 183 -3.73 6.36 20.67
N ARG B 184 -3.01 6.41 19.56
CA ARG B 184 -1.73 5.71 19.43
C ARG B 184 -0.86 6.49 18.42
N TYR B 185 0.46 6.37 18.54
CA TYR B 185 1.35 7.09 17.64
C TYR B 185 1.81 6.29 16.43
N ALA B 186 1.98 7.01 15.33
CA ALA B 186 2.42 6.43 14.07
C ALA B 186 3.89 6.02 14.11
N GLY B 187 4.22 5.01 13.32
CA GLY B 187 5.58 4.53 13.24
C GLY B 187 5.93 4.28 11.78
N TYR B 188 6.88 5.06 11.25
CA TYR B 188 7.29 4.91 9.85
C TYR B 188 8.74 4.51 9.74
N GLN B 189 9.06 3.72 8.71
CA GLN B 189 10.45 3.32 8.49
C GLN B 189 11.09 4.36 7.57
N MET B 190 12.00 5.15 8.15
CA MET B 190 12.68 6.19 7.40
C MET B 190 13.60 5.60 6.33
N PRO B 191 13.88 6.38 5.26
CA PRO B 191 14.74 5.95 4.16
C PRO B 191 16.16 5.63 4.61
N ASP B 192 16.66 6.41 5.57
CA ASP B 192 18.01 6.22 6.09
C ASP B 192 18.17 5.04 7.05
N GLY B 193 17.35 4.00 6.86
CA GLY B 193 17.40 2.81 7.69
C GLY B 193 16.71 2.85 9.06
N THR B 194 16.66 4.02 9.66
CA THR B 194 16.06 4.19 10.99
C THR B 194 14.54 4.01 11.01
N ILE B 195 13.96 4.26 12.18
CA ILE B 195 12.52 4.15 12.38
C ILE B 195 12.08 5.34 13.22
N ARG B 196 11.06 6.06 12.77
CA ARG B 196 10.57 7.22 13.49
C ARG B 196 9.26 6.90 14.20
N GLY B 197 9.10 7.42 15.40
CA GLY B 197 7.87 7.19 16.15
C GLY B 197 7.77 5.79 16.73
N ASP B 198 6.56 5.43 17.14
CA ASP B 198 6.29 4.13 17.72
C ASP B 198 6.51 2.97 16.76
N ALA B 199 7.64 2.27 16.94
CA ALA B 199 8.00 1.14 16.11
C ALA B 199 7.01 -0.02 16.17
N ALA B 200 6.18 -0.04 17.22
CA ALA B 200 5.19 -1.10 17.38
C ALA B 200 4.03 -0.98 16.38
N THR B 201 3.75 0.25 15.96
CA THR B 201 2.66 0.48 15.02
C THR B 201 3.12 0.63 13.58
N LEU B 202 4.25 0.00 13.24
CA LEU B 202 4.80 0.07 11.90
C LEU B 202 3.88 -0.52 10.83
N GLU B 203 3.50 -1.79 11.00
CA GLU B 203 2.62 -2.46 10.05
C GLU B 203 1.29 -1.74 9.94
N PHE B 204 0.72 -1.36 11.08
CA PHE B 204 -0.57 -0.69 11.06
C PHE B 204 -0.49 0.68 10.36
N THR B 205 0.62 1.39 10.54
CA THR B 205 0.80 2.69 9.91
C THR B 205 0.81 2.57 8.39
N GLN B 206 1.49 1.55 7.88
CA GLN B 206 1.56 1.33 6.45
C GLN B 206 0.15 1.07 5.90
N LEU B 207 -0.65 0.32 6.68
CA LEU B 207 -2.02 0.02 6.29
C LEU B 207 -2.83 1.30 6.15
N CYS B 208 -2.61 2.24 7.07
CA CYS B 208 -3.32 3.51 7.04
C CYS B 208 -2.92 4.30 5.80
N ILE B 209 -1.65 4.24 5.45
CA ILE B 209 -1.12 4.93 4.27
C ILE B 209 -1.80 4.38 3.02
N ASP B 210 -1.90 3.06 2.96
CA ASP B 210 -2.52 2.36 1.85
C ASP B 210 -3.98 2.80 1.68
N LEU B 211 -4.65 3.08 2.80
CA LEU B 211 -6.03 3.50 2.78
C LEU B 211 -6.18 5.00 2.60
N GLY B 212 -5.09 5.65 2.18
CA GLY B 212 -5.12 7.07 1.93
C GLY B 212 -4.94 8.02 3.10
N TRP B 213 -4.17 7.62 4.10
CA TRP B 213 -3.93 8.51 5.23
C TRP B 213 -2.66 9.30 4.92
N LYS B 214 -2.68 10.59 5.27
CA LYS B 214 -1.54 11.47 5.03
C LYS B 214 -0.49 11.36 6.16
N PRO B 215 0.63 10.65 5.89
CA PRO B 215 1.70 10.48 6.89
C PRO B 215 2.47 11.78 7.17
N ARG B 216 2.24 12.37 8.34
CA ARG B 216 2.92 13.61 8.70
C ARG B 216 4.41 13.43 9.02
N TYR B 217 4.86 12.17 9.01
CA TYR B 217 6.26 11.80 9.28
C TYR B 217 6.93 12.43 10.51
N GLY B 218 6.48 12.01 11.69
CA GLY B 218 7.04 12.53 12.93
C GLY B 218 7.15 11.48 14.02
N ARG B 219 7.63 11.90 15.19
CA ARG B 219 7.81 11.00 16.32
C ARG B 219 6.50 10.75 17.06
N PHE B 220 5.63 11.76 17.10
CA PHE B 220 4.36 11.63 17.80
C PHE B 220 3.11 12.01 16.98
N ASP B 221 2.95 11.34 15.84
CA ASP B 221 1.79 11.58 14.98
C ASP B 221 0.64 10.65 15.34
N VAL B 222 -0.39 11.24 15.95
CA VAL B 222 -1.58 10.48 16.33
C VAL B 222 -2.17 9.81 15.10
N LEU B 223 -2.26 8.49 15.16
CA LEU B 223 -2.80 7.68 14.07
C LEU B 223 -4.31 7.91 13.89
N PRO B 224 -4.81 7.64 12.67
CA PRO B 224 -6.23 7.82 12.39
C PRO B 224 -7.05 6.61 12.83
N LEU B 225 -8.30 6.87 13.20
CA LEU B 225 -9.22 5.80 13.60
C LEU B 225 -9.62 5.07 12.31
N VAL B 226 -9.39 3.75 12.30
CA VAL B 226 -9.73 2.93 11.15
C VAL B 226 -10.94 2.10 11.61
N LEU B 227 -12.12 2.53 11.20
CA LEU B 227 -13.35 1.87 11.62
C LEU B 227 -14.12 1.05 10.60
N GLN B 228 -14.56 -0.14 11.01
CA GLN B 228 -15.35 -0.98 10.11
C GLN B 228 -16.70 -1.31 10.75
N ALA B 229 -17.77 -0.90 10.08
CA ALA B 229 -19.13 -1.16 10.59
C ALA B 229 -19.80 -2.27 9.81
N ASP B 230 -20.83 -2.88 10.42
CA ASP B 230 -21.62 -3.95 9.81
C ASP B 230 -20.88 -4.79 8.76
N GLY B 231 -19.69 -5.26 9.11
CA GLY B 231 -18.91 -6.08 8.19
C GLY B 231 -18.31 -5.40 6.98
N GLN B 232 -18.60 -4.11 6.78
CA GLN B 232 -18.09 -3.33 5.64
C GLN B 232 -16.58 -3.16 5.70
N ASP B 233 -16.01 -2.60 4.63
CA ASP B 233 -14.59 -2.32 4.57
C ASP B 233 -14.36 -1.11 5.48
N PRO B 234 -13.18 -1.03 6.11
CA PRO B 234 -12.81 0.07 7.01
C PRO B 234 -12.70 1.47 6.41
N GLU B 235 -13.24 2.45 7.15
CA GLU B 235 -13.19 3.85 6.77
C GLU B 235 -12.21 4.58 7.69
N VAL B 236 -11.35 5.40 7.10
CA VAL B 236 -10.34 6.14 7.85
C VAL B 236 -10.83 7.49 8.34
N PHE B 237 -10.74 7.70 9.65
CA PHE B 237 -11.16 8.96 10.27
C PHE B 237 -10.04 9.57 11.11
N GLU B 238 -9.66 10.79 10.76
CA GLU B 238 -8.62 11.50 11.50
C GLU B 238 -9.24 11.91 12.84
N ILE B 239 -8.50 11.73 13.94
CA ILE B 239 -9.03 12.10 15.24
C ILE B 239 -8.85 13.60 15.48
N PRO B 240 -9.94 14.29 15.83
CA PRO B 240 -9.89 15.73 16.10
C PRO B 240 -8.85 16.06 17.17
N PRO B 241 -7.80 16.81 16.80
CA PRO B 241 -6.71 17.22 17.68
C PRO B 241 -7.13 17.80 19.02
N ASP B 242 -8.24 18.52 19.05
CA ASP B 242 -8.73 19.12 20.28
C ASP B 242 -9.13 18.06 21.31
N LEU B 243 -9.28 16.82 20.85
CA LEU B 243 -9.67 15.73 21.71
C LEU B 243 -8.50 14.92 22.27
N VAL B 244 -7.37 14.96 21.58
CA VAL B 244 -6.20 14.22 22.00
C VAL B 244 -5.30 15.00 22.98
N LEU B 245 -5.57 14.81 24.27
CA LEU B 245 -4.80 15.47 25.33
C LEU B 245 -3.46 14.78 25.49
N GLU B 246 -2.40 15.55 25.51
CA GLU B 246 -1.06 15.02 25.65
C GLU B 246 -0.32 15.67 26.83
N VAL B 247 0.67 14.96 27.36
CA VAL B 247 1.49 15.43 28.46
C VAL B 247 2.92 15.54 27.93
N THR B 248 3.52 16.71 28.06
CA THR B 248 4.90 16.89 27.60
C THR B 248 5.85 16.51 28.73
N MET B 249 6.83 15.66 28.42
CA MET B 249 7.80 15.18 29.41
C MET B 249 8.92 16.11 29.85
N GLU B 250 8.98 16.33 31.17
CA GLU B 250 10.02 17.16 31.76
C GLU B 250 10.39 16.69 33.18
N HIS B 251 11.68 16.53 33.40
CA HIS B 251 12.22 16.11 34.69
C HIS B 251 12.22 17.25 35.71
N PRO B 252 11.88 16.97 36.98
CA PRO B 252 11.84 17.98 38.04
C PRO B 252 13.18 18.53 38.52
N LYS B 253 14.27 17.99 37.98
CA LYS B 253 15.60 18.43 38.37
C LYS B 253 16.50 18.54 37.15
N TYR B 254 16.32 17.62 36.21
CA TYR B 254 17.11 17.60 34.98
C TYR B 254 16.41 18.42 33.90
N GLU B 255 16.86 19.67 33.73
CA GLU B 255 16.27 20.57 32.74
C GLU B 255 16.49 20.17 31.29
N TRP B 256 17.47 19.30 31.06
CA TRP B 256 17.77 18.85 29.71
C TRP B 256 16.80 17.78 29.23
N PHE B 257 16.04 17.20 30.16
CA PHE B 257 15.08 16.15 29.80
C PHE B 257 14.06 16.68 28.79
N GLN B 258 13.54 17.88 29.07
CA GLN B 258 12.58 18.54 28.19
C GLN B 258 13.12 18.65 26.76
N GLU B 259 14.43 18.90 26.65
CA GLU B 259 15.09 19.01 25.35
C GLU B 259 14.95 17.78 24.47
N LEU B 260 14.57 16.66 25.06
CA LEU B 260 14.40 15.41 24.30
C LEU B 260 13.14 15.46 23.44
N GLY B 261 12.23 16.36 23.80
CA GLY B 261 10.99 16.51 23.05
C GLY B 261 10.07 15.30 23.10
N LEU B 262 9.94 14.71 24.28
CA LEU B 262 9.10 13.56 24.48
C LEU B 262 7.76 14.00 25.05
N LYS B 263 6.73 13.25 24.69
CA LYS B 263 5.38 13.50 25.17
C LYS B 263 4.60 12.21 25.00
N TRP B 264 3.43 12.14 25.62
CA TRP B 264 2.61 10.96 25.49
C TRP B 264 1.16 11.35 25.70
N TYR B 265 0.25 10.54 25.14
CA TYR B 265 -1.17 10.77 25.32
C TYR B 265 -1.60 10.38 26.72
N ALA B 266 -2.56 11.12 27.26
CA ALA B 266 -3.08 10.88 28.60
C ALA B 266 -4.13 9.78 28.68
N LEU B 267 -4.65 9.35 27.55
CA LEU B 267 -5.71 8.35 27.55
C LEU B 267 -5.36 6.97 27.02
N PRO B 268 -5.25 5.99 27.92
CA PRO B 268 -4.93 4.60 27.58
C PRO B 268 -6.27 3.95 27.24
N ALA B 269 -6.53 3.76 25.96
CA ALA B 269 -7.82 3.19 25.60
C ALA B 269 -7.72 1.99 24.68
N VAL B 270 -7.79 0.79 25.24
CA VAL B 270 -7.73 -0.44 24.47
C VAL B 270 -8.91 -0.44 23.51
N ALA B 271 -8.63 -0.70 22.24
CA ALA B 271 -9.66 -0.65 21.23
C ALA B 271 -9.96 -1.92 20.45
N ASN B 272 -9.06 -2.89 20.51
CA ASN B 272 -9.25 -4.11 19.75
C ASN B 272 -9.75 -5.37 20.47
N MET B 273 -10.26 -5.23 21.68
CA MET B 273 -10.72 -6.41 22.41
C MET B 273 -12.20 -6.75 22.28
N LEU B 274 -12.52 -8.03 22.47
CA LEU B 274 -13.88 -8.51 22.38
C LEU B 274 -14.49 -8.75 23.75
N LEU B 275 -15.69 -8.23 23.96
CA LEU B 275 -16.39 -8.43 25.22
C LEU B 275 -17.34 -9.63 25.09
N GLU B 276 -17.06 -10.68 25.86
CA GLU B 276 -17.89 -11.87 25.86
C GLU B 276 -18.77 -11.82 27.10
N VAL B 277 -20.06 -12.01 26.91
CA VAL B 277 -20.98 -12.02 28.02
C VAL B 277 -22.16 -12.92 27.71
N GLY B 278 -22.45 -13.85 28.61
CA GLY B 278 -23.57 -14.75 28.45
C GLY B 278 -23.70 -15.43 27.11
N GLY B 279 -22.57 -15.69 26.46
CA GLY B 279 -22.61 -16.35 25.18
C GLY B 279 -22.48 -15.39 24.02
N LEU B 280 -22.93 -14.16 24.19
CA LEU B 280 -22.80 -13.22 23.10
C LEU B 280 -21.49 -12.44 23.20
N GLU B 281 -21.01 -12.02 22.04
CA GLU B 281 -19.76 -11.31 21.95
C GLU B 281 -19.82 -9.96 21.25
N PHE B 282 -19.13 -9.00 21.85
CA PHE B 282 -19.05 -7.65 21.32
C PHE B 282 -17.63 -7.43 20.82
N PRO B 283 -17.42 -7.59 19.50
CA PRO B 283 -16.13 -7.42 18.82
C PRO B 283 -15.64 -5.98 18.73
N ALA B 284 -16.44 -5.05 19.24
CA ALA B 284 -16.08 -3.64 19.23
C ALA B 284 -16.56 -3.02 20.54
N CYS B 285 -15.63 -2.79 21.47
CA CYS B 285 -15.99 -2.22 22.75
C CYS B 285 -14.74 -1.58 23.37
N PRO B 286 -14.31 -0.44 22.82
CA PRO B 286 -13.12 0.22 23.36
C PRO B 286 -13.37 0.70 24.79
N PHE B 287 -12.37 0.53 25.63
CA PHE B 287 -12.48 0.95 27.02
C PHE B 287 -11.21 1.63 27.50
N ASN B 288 -11.29 2.30 28.64
CA ASN B 288 -10.13 2.94 29.22
C ASN B 288 -10.27 3.17 30.71
N GLY B 289 -9.12 3.31 31.34
CA GLY B 289 -9.05 3.63 32.75
C GLY B 289 -8.00 4.72 32.68
N TRP B 290 -7.06 4.76 33.62
CA TRP B 290 -6.00 5.75 33.55
C TRP B 290 -4.66 5.04 33.53
N TYR B 291 -3.60 5.77 33.29
CA TYR B 291 -2.25 5.22 33.20
C TYR B 291 -1.54 4.89 34.49
N MET B 292 -0.61 3.93 34.39
CA MET B 292 0.23 3.54 35.50
C MET B 292 1.60 3.88 34.92
N GLY B 293 2.25 4.82 35.59
CA GLY B 293 3.54 5.35 35.17
C GLY B 293 4.48 4.52 34.35
N THR B 294 4.67 3.28 34.79
CA THR B 294 5.57 2.36 34.13
C THR B 294 5.17 1.99 32.71
N GLU B 295 3.90 2.14 32.37
CA GLU B 295 3.44 1.82 31.01
C GLU B 295 4.15 2.74 30.00
N ILE B 296 4.24 4.01 30.36
CA ILE B 296 4.87 5.00 29.51
C ILE B 296 6.37 5.05 29.76
N GLY B 297 6.74 5.33 31.00
CA GLY B 297 8.14 5.45 31.34
C GLY B 297 9.00 4.22 31.07
N VAL B 298 8.43 3.04 31.29
CA VAL B 298 9.21 1.82 31.12
C VAL B 298 9.04 1.10 29.80
N ARG B 299 7.81 0.80 29.43
CA ARG B 299 7.54 0.08 28.18
C ARG B 299 7.59 0.98 26.94
N ASP B 300 6.64 1.91 26.86
CA ASP B 300 6.56 2.82 25.72
C ASP B 300 7.90 3.50 25.38
N PHE B 301 8.54 4.11 26.37
CA PHE B 301 9.81 4.77 26.16
C PHE B 301 11.05 3.88 26.20
N CYS B 302 11.07 2.86 27.05
CA CYS B 302 12.30 2.06 27.15
C CYS B 302 12.44 0.72 26.45
N ASP B 303 11.35 0.15 25.97
CA ASP B 303 11.43 -1.09 25.24
C ASP B 303 12.27 -0.85 23.99
N THR B 304 13.09 -1.84 23.61
CA THR B 304 13.90 -1.71 22.41
C THR B 304 12.99 -1.68 21.17
N GLN B 305 11.88 -2.42 21.24
CA GLN B 305 10.92 -2.50 20.14
C GLN B 305 9.98 -1.29 20.07
N ARG B 306 10.12 -0.35 21.01
CA ARG B 306 9.29 0.84 21.00
C ARG B 306 10.16 2.07 20.75
N TYR B 307 10.01 3.11 21.59
CA TYR B 307 10.80 4.33 21.42
C TYR B 307 12.30 4.20 21.70
N ASN B 308 12.69 3.18 22.45
CA ASN B 308 14.09 2.88 22.77
C ASN B 308 14.97 4.09 23.15
N ILE B 309 14.53 4.88 24.13
CA ILE B 309 15.28 6.06 24.53
C ILE B 309 16.27 5.87 25.69
N LEU B 310 16.39 4.64 26.17
CA LEU B 310 17.24 4.32 27.31
C LEU B 310 18.70 4.79 27.22
N GLU B 311 19.38 4.48 26.12
CA GLU B 311 20.78 4.88 25.97
C GLU B 311 20.94 6.40 25.97
N GLU B 312 20.15 7.07 25.13
CA GLU B 312 20.18 8.53 25.02
C GLU B 312 19.99 9.19 26.37
N VAL B 313 19.18 8.59 27.22
CA VAL B 313 18.95 9.15 28.55
C VAL B 313 20.14 8.86 29.46
N GLY B 314 20.70 7.67 29.34
CA GLY B 314 21.85 7.32 30.15
C GLY B 314 23.05 8.14 29.72
N ARG B 315 23.09 8.46 28.43
CA ARG B 315 24.17 9.24 27.82
C ARG B 315 24.19 10.62 28.48
N ARG B 316 23.04 11.29 28.44
CA ARG B 316 22.88 12.63 29.00
C ARG B 316 22.92 12.69 30.52
N MET B 317 22.95 11.54 31.16
CA MET B 317 23.04 11.47 32.62
C MET B 317 24.50 11.32 33.03
N GLY B 318 25.36 11.09 32.03
CA GLY B 318 26.79 10.93 32.27
C GLY B 318 27.13 9.63 32.96
N LEU B 319 26.30 8.61 32.73
CA LEU B 319 26.48 7.29 33.32
C LEU B 319 27.35 6.45 32.40
N GLU B 320 27.89 5.35 32.95
CA GLU B 320 28.75 4.44 32.19
C GLU B 320 27.89 3.58 31.26
N THR B 321 27.46 4.17 30.15
CA THR B 321 26.61 3.50 29.17
C THR B 321 27.20 2.27 28.50
N HIS B 322 28.52 2.13 28.52
CA HIS B 322 29.16 0.98 27.89
C HIS B 322 29.51 -0.17 28.84
N THR B 323 29.04 -0.09 30.08
CA THR B 323 29.28 -1.11 31.09
C THR B 323 27.98 -1.50 31.79
N LEU B 324 27.47 -2.68 31.45
CA LEU B 324 26.22 -3.20 32.02
C LEU B 324 26.24 -3.21 33.55
N ALA B 325 27.35 -3.67 34.12
CA ALA B 325 27.49 -3.78 35.57
C ALA B 325 27.29 -2.49 36.35
N SER B 326 27.46 -1.35 35.68
CA SER B 326 27.29 -0.06 36.35
C SER B 326 25.86 0.16 36.77
N LEU B 327 24.93 -0.63 36.22
CA LEU B 327 23.51 -0.51 36.52
C LEU B 327 22.93 0.85 36.08
N TRP B 328 23.51 1.41 35.02
CA TRP B 328 23.09 2.70 34.46
C TRP B 328 21.65 2.62 33.95
N LYS B 329 21.30 1.47 33.37
CA LYS B 329 19.96 1.23 32.85
C LYS B 329 18.94 1.37 33.97
N ASP B 330 19.25 0.80 35.13
CA ASP B 330 18.35 0.85 36.28
C ASP B 330 18.22 2.29 36.78
N ARG B 331 19.29 3.07 36.61
CA ARG B 331 19.26 4.46 37.05
C ARG B 331 18.45 5.34 36.10
N ALA B 332 18.68 5.15 34.79
CA ALA B 332 17.98 5.91 33.76
C ALA B 332 16.48 5.71 33.81
N VAL B 333 16.06 4.44 33.73
CA VAL B 333 14.64 4.09 33.72
C VAL B 333 13.86 4.72 34.87
N THR B 334 14.50 4.80 36.04
CA THR B 334 13.86 5.40 37.21
C THR B 334 13.67 6.91 37.03
N GLU B 335 14.65 7.56 36.39
CA GLU B 335 14.56 8.99 36.17
C GLU B 335 13.48 9.29 35.12
N ILE B 336 13.41 8.45 34.10
CA ILE B 336 12.40 8.58 33.06
C ILE B 336 11.04 8.38 33.74
N ASN B 337 10.99 7.42 34.66
CA ASN B 337 9.78 7.12 35.41
C ASN B 337 9.32 8.30 36.26
N VAL B 338 10.24 8.93 36.98
CA VAL B 338 9.84 10.07 37.82
C VAL B 338 9.39 11.24 36.94
N ALA B 339 9.97 11.32 35.74
CA ALA B 339 9.62 12.40 34.80
C ALA B 339 8.16 12.22 34.40
N VAL B 340 7.80 11.01 33.96
CA VAL B 340 6.43 10.70 33.57
C VAL B 340 5.49 11.08 34.71
N LEU B 341 5.78 10.60 35.91
CA LEU B 341 4.92 10.93 37.05
C LEU B 341 4.87 12.42 37.32
N HIS B 342 6.04 13.07 37.35
CA HIS B 342 6.12 14.50 37.58
C HIS B 342 5.34 15.29 36.54
N SER B 343 5.55 14.94 35.27
CA SER B 343 4.86 15.61 34.18
C SER B 343 3.33 15.54 34.29
N PHE B 344 2.79 14.33 34.34
CA PHE B 344 1.34 14.12 34.44
C PHE B 344 0.78 14.86 35.64
N GLN B 345 1.52 14.84 36.74
CA GLN B 345 1.12 15.51 37.97
C GLN B 345 1.12 17.03 37.82
N LYS B 346 2.15 17.55 37.16
CA LYS B 346 2.30 18.97 36.94
C LYS B 346 1.16 19.50 36.07
N GLN B 347 0.88 18.78 34.99
CA GLN B 347 -0.17 19.14 34.06
C GLN B 347 -1.57 18.69 34.47
N ASN B 348 -1.69 18.29 35.74
CA ASN B 348 -2.96 17.84 36.31
C ASN B 348 -3.71 16.74 35.55
N VAL B 349 -2.97 15.72 35.11
CA VAL B 349 -3.53 14.58 34.40
C VAL B 349 -3.36 13.34 35.25
N THR B 350 -4.48 12.71 35.56
CA THR B 350 -4.51 11.50 36.38
C THR B 350 -3.48 10.46 35.97
N ILE B 351 -2.82 9.89 36.98
CA ILE B 351 -1.84 8.84 36.77
C ILE B 351 -1.50 8.24 38.12
N MET B 352 -1.17 6.96 38.13
CA MET B 352 -0.83 6.29 39.39
C MET B 352 0.51 5.63 39.24
N ASP B 353 1.33 5.73 40.28
CA ASP B 353 2.65 5.10 40.24
C ASP B 353 2.44 3.61 40.52
N HIS B 354 3.40 2.78 40.10
CA HIS B 354 3.29 1.34 40.26
C HIS B 354 3.22 0.80 41.70
N HIS B 355 3.93 1.44 42.63
CA HIS B 355 3.90 0.98 44.01
C HIS B 355 2.49 1.13 44.55
N THR B 356 1.92 2.32 44.38
CA THR B 356 0.57 2.59 44.84
C THR B 356 -0.46 1.70 44.17
N ALA B 357 -0.24 1.42 42.88
CA ALA B 357 -1.14 0.58 42.09
C ALA B 357 -1.13 -0.83 42.66
N SER B 358 0.06 -1.28 43.01
CA SER B 358 0.24 -2.61 43.57
C SER B 358 -0.50 -2.75 44.89
N GLU B 359 -0.29 -1.79 45.78
CA GLU B 359 -0.95 -1.84 47.09
C GLU B 359 -2.45 -1.91 46.97
N SER B 360 -3.02 -1.15 46.02
CA SER B 360 -4.47 -1.16 45.83
C SER B 360 -4.94 -2.49 45.27
N PHE B 361 -4.16 -3.07 44.36
CA PHE B 361 -4.55 -4.36 43.81
C PHE B 361 -4.59 -5.40 44.93
N MET B 362 -3.62 -5.32 45.84
CA MET B 362 -3.55 -6.24 46.98
C MET B 362 -4.80 -6.07 47.83
N LYS B 363 -5.18 -4.81 48.07
CA LYS B 363 -6.38 -4.52 48.84
C LYS B 363 -7.59 -5.06 48.08
N HIS B 364 -7.58 -4.89 46.77
CA HIS B 364 -8.69 -5.37 45.94
C HIS B 364 -8.80 -6.88 45.99
N MET B 365 -7.66 -7.55 45.88
CA MET B 365 -7.62 -9.01 45.91
C MET B 365 -8.16 -9.52 47.23
N GLN B 366 -7.80 -8.84 48.31
CA GLN B 366 -8.27 -9.18 49.66
C GLN B 366 -9.79 -9.04 49.70
N ASN B 367 -10.30 -7.93 49.17
CA ASN B 367 -11.76 -7.69 49.14
C ASN B 367 -12.41 -8.80 48.33
N GLU B 368 -11.74 -9.20 47.27
CA GLU B 368 -12.23 -10.22 46.36
C GLU B 368 -12.32 -11.64 46.92
N TYR B 369 -11.36 -12.01 47.75
CA TYR B 369 -11.39 -13.35 48.34
C TYR B 369 -12.48 -13.46 49.40
N ARG B 370 -12.67 -12.38 50.13
CA ARG B 370 -13.69 -12.31 51.16
C ARG B 370 -15.06 -12.32 50.48
N ALA B 371 -15.20 -11.52 49.42
CA ALA B 371 -16.43 -11.41 48.65
C ALA B 371 -16.88 -12.62 47.85
N ARG B 372 -15.97 -13.24 47.11
CA ARG B 372 -16.35 -14.40 46.30
C ARG B 372 -15.37 -15.55 46.23
N GLY B 373 -14.47 -15.61 47.20
CA GLY B 373 -13.50 -16.68 47.26
C GLY B 373 -12.54 -16.80 46.10
N GLY B 374 -12.05 -15.67 45.59
CA GLY B 374 -11.13 -15.75 44.47
C GLY B 374 -11.01 -14.48 43.66
N CYS B 375 -9.95 -14.43 42.88
CA CYS B 375 -9.64 -13.29 42.01
C CYS B 375 -8.65 -13.77 40.96
N PRO B 376 -9.14 -14.00 39.72
CA PRO B 376 -8.24 -14.47 38.67
C PRO B 376 -7.16 -13.40 38.48
N ALA B 377 -5.90 -13.81 38.56
CA ALA B 377 -4.81 -12.85 38.45
C ALA B 377 -3.65 -13.42 37.66
N ASP B 378 -3.12 -12.62 36.75
CA ASP B 378 -1.99 -13.04 35.94
C ASP B 378 -0.77 -12.33 36.51
N TRP B 379 -0.03 -13.06 37.34
CA TRP B 379 1.17 -12.56 38.00
C TRP B 379 2.12 -11.85 37.03
N ILE B 380 2.40 -12.50 35.90
CA ILE B 380 3.31 -11.98 34.90
C ILE B 380 2.94 -10.59 34.37
N TRP B 381 1.65 -10.26 34.38
CA TRP B 381 1.22 -8.95 33.91
C TRP B 381 0.99 -7.97 35.05
N LEU B 382 0.67 -8.52 36.22
CA LEU B 382 0.38 -7.72 37.40
C LEU B 382 1.58 -7.14 38.10
N VAL B 383 2.73 -7.78 37.94
CA VAL B 383 3.95 -7.29 38.56
C VAL B 383 4.58 -6.27 37.60
N PRO B 384 4.75 -5.02 38.05
CA PRO B 384 5.34 -3.92 37.29
C PRO B 384 6.63 -4.32 36.57
N PRO B 385 6.89 -3.73 35.39
CA PRO B 385 8.08 -4.01 34.59
C PRO B 385 9.36 -3.44 35.22
N VAL B 386 9.23 -2.92 36.42
CA VAL B 386 10.36 -2.34 37.13
C VAL B 386 10.12 -2.49 38.65
N SER B 387 11.19 -2.75 39.40
CA SER B 387 11.07 -2.87 40.87
C SER B 387 10.12 -3.99 41.34
N GLY B 388 10.16 -5.10 40.63
CA GLY B 388 9.29 -6.24 40.94
C GLY B 388 9.08 -6.59 42.39
N SER B 389 10.10 -7.19 43.02
CA SER B 389 9.99 -7.62 44.42
C SER B 389 9.72 -6.53 45.43
N ILE B 390 9.98 -5.27 45.07
CA ILE B 390 9.72 -4.15 45.96
C ILE B 390 8.23 -3.96 46.05
N THR B 391 7.55 -4.62 45.13
CA THR B 391 6.11 -4.58 45.01
C THR B 391 5.46 -5.74 45.77
N PRO B 392 4.31 -5.49 46.41
CA PRO B 392 3.61 -6.53 47.18
C PRO B 392 3.09 -7.68 46.31
N VAL B 393 2.65 -7.38 45.09
CA VAL B 393 2.10 -8.42 44.22
C VAL B 393 3.09 -9.49 43.82
N PHE B 394 4.37 -9.12 43.83
CA PHE B 394 5.44 -10.05 43.50
C PHE B 394 5.46 -11.21 44.47
N HIS B 395 5.10 -10.93 45.72
CA HIS B 395 5.12 -11.94 46.79
C HIS B 395 3.80 -12.66 47.00
N GLN B 396 2.81 -12.34 46.18
CA GLN B 396 1.50 -12.94 46.27
C GLN B 396 1.29 -14.02 45.21
N GLU B 397 1.11 -15.26 45.66
CA GLU B 397 0.86 -16.34 44.72
C GLU B 397 -0.54 -16.09 44.20
N MET B 398 -0.76 -16.35 42.92
CA MET B 398 -2.06 -16.14 42.33
C MET B 398 -2.43 -17.18 41.30
N LEU B 399 -3.73 -17.36 41.10
CA LEU B 399 -4.22 -18.32 40.13
C LEU B 399 -4.85 -17.55 38.99
N ASN B 400 -4.48 -17.93 37.79
CA ASN B 400 -5.01 -17.31 36.60
C ASN B 400 -6.03 -18.23 35.94
N TYR B 401 -7.23 -17.71 35.72
CA TYR B 401 -8.28 -18.48 35.07
C TYR B 401 -9.24 -17.55 34.35
N VAL B 402 -9.88 -18.07 33.30
CA VAL B 402 -10.85 -17.29 32.51
C VAL B 402 -12.29 -17.51 32.98
N LEU B 403 -12.92 -16.44 33.46
CA LEU B 403 -14.31 -16.48 33.91
C LEU B 403 -15.19 -15.87 32.81
N SER B 404 -16.40 -15.49 33.18
CA SER B 404 -17.32 -14.87 32.23
C SER B 404 -18.31 -14.01 32.98
N PRO B 405 -18.61 -12.81 32.45
CA PRO B 405 -18.13 -12.16 31.21
C PRO B 405 -16.62 -11.91 31.21
N PHE B 406 -16.05 -11.69 30.03
CA PHE B 406 -14.59 -11.55 29.91
C PHE B 406 -14.15 -10.71 28.69
N TYR B 407 -12.96 -10.11 28.79
CA TYR B 407 -12.40 -9.34 27.68
C TYR B 407 -11.35 -10.21 27.01
N TYR B 408 -11.64 -10.60 25.77
CA TYR B 408 -10.74 -11.45 24.99
C TYR B 408 -10.00 -10.67 23.94
N TYR B 409 -8.91 -11.26 23.45
CA TYR B 409 -8.16 -10.66 22.37
C TYR B 409 -8.85 -11.20 21.13
N GLN B 410 -8.52 -10.64 19.98
CA GLN B 410 -9.04 -11.10 18.70
C GLN B 410 -7.99 -11.03 17.61
N ILE B 411 -8.20 -11.79 16.54
CA ILE B 411 -7.28 -11.85 15.43
C ILE B 411 -7.29 -10.52 14.69
N GLU B 412 -6.11 -10.01 14.39
CA GLU B 412 -5.98 -8.73 13.68
C GLU B 412 -6.88 -8.74 12.44
N PRO B 413 -7.88 -7.86 12.42
CA PRO B 413 -8.87 -7.69 11.35
C PRO B 413 -8.37 -7.80 9.91
N TRP B 414 -7.36 -7.01 9.56
CA TRP B 414 -6.81 -7.02 8.19
C TRP B 414 -6.36 -8.39 7.69
N LYS B 415 -6.18 -9.33 8.61
CA LYS B 415 -5.76 -10.67 8.24
C LYS B 415 -6.95 -11.48 7.74
N THR B 416 -8.08 -11.35 8.44
CA THR B 416 -9.29 -12.07 8.07
C THR B 416 -10.39 -11.08 7.70
N HIS B 417 -10.33 -10.59 6.47
CA HIS B 417 -11.31 -9.62 6.00
C HIS B 417 -11.64 -9.75 4.51
N ILE B 418 -12.94 -9.80 4.23
CA ILE B 418 -13.46 -9.90 2.87
C ILE B 418 -13.61 -8.48 2.30
N TRP B 419 -12.79 -8.14 1.31
CA TRP B 419 -12.86 -6.82 0.70
C TRP B 419 -13.94 -6.69 -0.38
N GLN B 420 -13.99 -5.55 -1.07
CA GLN B 420 -15.00 -5.31 -2.11
C GLN B 420 -14.84 -6.18 -3.37
#